data_4H41
#
_entry.id   4H41
#
_cell.length_a   53.670
_cell.length_b   125.700
_cell.length_c   80.010
_cell.angle_alpha   90.000
_cell.angle_beta   103.720
_cell.angle_gamma   90.000
#
_symmetry.space_group_name_H-M   'P 1 21 1'
#
loop_
_entity.id
_entity.type
_entity.pdbx_description
1 polymer 'putative alpha-L-fucosidase'
2 non-polymer 'UNKNOWN LIGAND'
3 non-polymer 'PENTAETHYLENE GLYCOL'
4 non-polymer 2-{2-[2-(2-{2-[2-(2-ETHOXY-ETHOXY)-ETHOXY]-ETHOXY}-ETHOXY)-ETHOXY]-ETHOXY}-ETHANOL
5 non-polymer 'TETRAETHYLENE GLYCOL'
6 non-polymer 1-(2-METHOXY-ETHOXY)-2-{2-[2-(2-METHOXY-ETHOXY]-ETHOXY}-ETHANE
7 non-polymer 'SODIUM ION'
8 water water
#
_entity_poly.entity_id   1
_entity_poly.type   'polypeptide(L)'
_entity_poly.pdbx_seq_one_letter_code
;GAADGEGRGELSPKIKAGDLESKLIVPKNNGLKITGTFLDEISHDIPHQNWGEKEWDLDFQH(MSE)KRIGIDTVI
(MSE)IRSGYRKF(MSE)TYPSPYLLKKGCY(MSE)PSVDLVD(MSE)YLRLAEKYN(MSE)KFYFGLYDSGRYWDTGDL
SWEIEDNKYVIDEVWK(MSE)YGEKYKSFGGWYISGEISRATKGAIDAFRA(MSE)GKQCKDISNGLPTFISPWIDGKKA
I(MSE)GTGKLTREDAVSVQQHEKEWNEIFDGIHEVVDACAFQDGHIDYDELDAFFTVNKKLADKYG(MSE)QCWTNAES
FDRD(MSE)PIRFLPIKFDKLR(MSE)KLEAAKRAGYDKAITFEFSHF(MSE)SPQSAYLQAGHLYDRYREYFEIK
;
_entity_poly.pdbx_strand_id   A,B,C
#
# COMPACT_ATOMS: atom_id res chain seq x y z
N LEU A 20 19.22 17.72 15.58
CA LEU A 20 17.97 18.15 16.19
C LEU A 20 17.20 16.95 16.79
N GLU A 21 16.32 17.25 17.73
CA GLU A 21 15.45 16.29 18.40
C GLU A 21 14.20 17.03 18.84
N SER A 22 12.99 16.44 18.67
CA SER A 22 11.79 17.16 19.06
C SER A 22 11.79 17.38 20.57
N LYS A 23 11.20 18.49 21.01
CA LYS A 23 11.04 18.78 22.42
C LYS A 23 9.79 18.04 22.86
N LEU A 24 9.91 17.00 23.70
CA LEU A 24 8.71 16.29 24.11
C LEU A 24 7.98 17.10 25.19
N ILE A 25 6.65 17.11 25.15
CA ILE A 25 5.84 17.83 26.13
C ILE A 25 5.07 16.85 27.01
N VAL A 26 5.47 15.57 27.00
CA VAL A 26 4.95 14.56 27.91
C VAL A 26 6.15 13.95 28.60
N PRO A 27 5.98 13.33 29.75
CA PRO A 27 7.13 12.63 30.37
C PRO A 27 7.63 11.44 29.53
N LYS A 28 8.95 11.28 29.42
CA LYS A 28 9.56 10.11 28.76
C LYS A 28 9.47 8.87 29.62
N ASN A 29 9.69 7.70 29.02
CA ASN A 29 9.80 6.45 29.73
C ASN A 29 8.67 6.26 30.75
N ASN A 30 7.44 6.42 30.28
CA ASN A 30 6.25 6.45 31.12
C ASN A 30 5.21 5.42 30.64
N GLY A 31 5.66 4.38 29.95
CA GLY A 31 4.78 3.31 29.48
C GLY A 31 5.50 1.97 29.56
N LEU A 32 4.79 0.86 29.29
CA LEU A 32 5.38 -0.47 29.39
C LEU A 32 6.21 -0.71 28.14
N LYS A 33 7.48 -0.97 28.30
CA LYS A 33 8.35 -1.21 27.17
C LYS A 33 7.96 -2.52 26.48
N ILE A 34 8.10 -2.56 25.16
CA ILE A 34 7.88 -3.76 24.37
C ILE A 34 9.10 -4.68 24.58
N THR A 35 8.87 -5.91 25.04
CA THR A 35 9.97 -6.85 25.27
C THR A 35 9.76 -8.17 24.51
N GLY A 36 8.75 -8.23 23.69
CA GLY A 36 8.51 -9.39 22.82
C GLY A 36 7.92 -8.99 21.49
N THR A 37 8.17 -9.81 20.45
CA THR A 37 7.56 -9.57 19.16
C THR A 37 7.18 -10.88 18.53
N PHE A 38 6.09 -10.84 17.77
CA PHE A 38 5.78 -11.91 16.86
C PHE A 38 6.76 -11.85 15.72
N LEU A 39 6.96 -13.00 15.08
CA LEU A 39 7.64 -13.25 13.83
C LEU A 39 6.51 -13.68 12.93
N ASP A 40 6.16 -12.84 11.93
CA ASP A 40 4.95 -13.05 11.12
C ASP A 40 5.12 -14.12 10.05
N GLU A 41 5.26 -15.36 10.50
CA GLU A 41 5.34 -16.56 9.67
C GLU A 41 4.42 -17.61 10.29
N ILE A 42 3.48 -18.26 9.57
CA ILE A 42 3.03 -17.94 8.23
C ILE A 42 2.05 -16.78 8.36
N SER A 43 2.24 -15.70 7.60
CA SER A 43 1.38 -14.53 7.69
C SER A 43 0.02 -14.77 7.08
N HIS A 44 -1.02 -14.25 7.70
CA HIS A 44 -2.33 -14.26 7.09
C HIS A 44 -2.48 -13.19 6.00
N ASP A 45 -1.92 -11.99 6.24
CA ASP A 45 -2.25 -10.82 5.47
C ASP A 45 -1.23 -9.69 5.45
N ILE A 46 0.02 -9.97 5.74
CA ILE A 46 1.08 -8.96 5.64
C ILE A 46 2.04 -9.40 4.53
N PRO A 47 2.26 -8.56 3.51
CA PRO A 47 3.13 -8.98 2.38
C PRO A 47 4.52 -9.32 2.83
N HIS A 48 5.05 -10.36 2.22
CA HIS A 48 6.35 -10.94 2.60
C HIS A 48 7.49 -10.04 2.23
N GLN A 49 8.50 -9.92 3.12
CA GLN A 49 9.65 -9.07 2.84
C GLN A 49 10.78 -9.80 2.10
N ASN A 50 10.68 -11.12 1.93
CA ASN A 50 11.64 -11.92 1.15
C ASN A 50 13.03 -11.90 1.79
N TRP A 51 13.03 -11.90 3.13
CA TRP A 51 14.27 -11.93 3.87
C TRP A 51 14.85 -13.35 3.92
N GLY A 52 16.16 -13.42 3.96
CA GLY A 52 16.92 -14.64 4.17
C GLY A 52 17.55 -14.57 5.55
N GLU A 53 18.41 -15.54 5.86
CA GLU A 53 19.02 -15.60 7.19
C GLU A 53 19.84 -14.36 7.50
N LYS A 54 20.50 -13.76 6.51
CA LYS A 54 21.28 -12.55 6.76
C LYS A 54 20.43 -11.41 7.32
N GLU A 55 19.29 -11.19 6.66
CA GLU A 55 18.35 -10.13 7.05
C GLU A 55 17.72 -10.45 8.39
N TRP A 56 17.37 -11.71 8.63
CA TRP A 56 16.77 -12.08 9.92
C TRP A 56 17.77 -11.92 11.05
N ASP A 57 19.04 -12.21 10.79
CA ASP A 57 20.08 -12.04 11.80
C ASP A 57 20.21 -10.53 12.18
N LEU A 58 20.21 -9.67 11.17
CA LEU A 58 20.29 -8.23 11.43
C LEU A 58 19.03 -7.75 12.18
N ASP A 59 17.83 -8.27 11.85
CA ASP A 59 16.66 -7.86 12.57
C ASP A 59 16.68 -8.28 14.02
N PHE A 60 17.22 -9.44 14.33
CA PHE A 60 17.40 -9.84 15.75
C PHE A 60 18.33 -8.87 16.47
N GLN A 61 19.36 -8.35 15.77
CA GLN A 61 20.21 -7.33 16.36
C GLN A 61 19.45 -6.05 16.67
N HIS A 62 18.58 -5.59 15.74
CA HIS A 62 17.80 -4.37 15.97
C HIS A 62 16.82 -4.60 17.15
N LYS A 64 17.35 -6.76 19.71
CA LYS A 64 18.15 -6.84 20.94
C LYS A 64 18.49 -5.45 21.47
N ARG A 65 18.81 -4.50 20.57
CA ARG A 65 19.14 -3.15 20.96
C ARG A 65 18.06 -2.51 21.81
N ILE A 66 16.78 -2.77 21.53
CA ILE A 66 15.68 -2.14 22.30
C ILE A 66 15.17 -3.02 23.46
N GLY A 67 15.82 -4.15 23.72
CA GLY A 67 15.44 -4.99 24.86
C GLY A 67 14.38 -6.03 24.59
N ILE A 68 14.18 -6.42 23.35
CA ILE A 68 13.29 -7.55 23.05
C ILE A 68 14.00 -8.82 23.57
N ASP A 69 13.29 -9.62 24.35
CA ASP A 69 13.86 -10.86 24.91
C ASP A 69 13.07 -12.11 24.51
N THR A 70 11.94 -11.93 23.78
CA THR A 70 11.04 -13.00 23.40
C THR A 70 10.61 -12.84 21.98
N VAL A 71 10.65 -13.92 21.17
CA VAL A 71 10.19 -13.91 19.80
C VAL A 71 9.19 -15.06 19.64
N ILE A 72 8.07 -14.77 19.02
CA ILE A 72 6.96 -15.71 18.87
C ILE A 72 6.65 -15.97 17.40
N ILE A 74 4.39 -16.83 14.79
CA ILE A 74 2.92 -16.73 15.00
C ILE A 74 2.14 -18.00 14.64
N ARG A 75 2.48 -18.72 13.57
CA ARG A 75 1.77 -19.97 13.25
C ARG A 75 2.66 -20.84 12.37
N SER A 76 2.96 -22.02 12.90
CA SER A 76 3.90 -22.96 12.27
C SER A 76 3.45 -23.42 10.89
N GLY A 77 2.16 -23.25 10.61
CA GLY A 77 1.64 -23.35 9.27
C GLY A 77 0.31 -22.66 9.16
N TYR A 78 -0.08 -22.39 7.93
CA TYR A 78 -1.37 -21.79 7.63
C TYR A 78 -1.90 -22.46 6.37
N ARG A 79 -2.95 -23.27 6.52
CA ARG A 79 -3.51 -24.06 5.42
C ARG A 79 -2.37 -24.90 4.79
N LYS A 80 -2.02 -24.73 3.48
CA LYS A 80 -0.97 -25.60 2.89
C LYS A 80 0.46 -25.07 3.01
N PHE A 81 0.63 -23.91 3.63
CA PHE A 81 1.97 -23.33 3.84
C PHE A 81 2.48 -23.72 5.22
N THR A 83 6.26 -23.70 7.95
CA THR A 83 7.51 -23.04 8.33
C THR A 83 8.66 -24.00 8.54
N TYR A 84 8.40 -25.31 8.49
CA TYR A 84 9.41 -26.32 8.73
C TYR A 84 9.04 -27.57 7.95
N PRO A 85 9.97 -28.51 7.74
CA PRO A 85 9.63 -29.72 6.94
C PRO A 85 8.89 -30.74 7.79
N SER A 86 7.61 -30.49 7.99
CA SER A 86 6.76 -31.33 8.82
C SER A 86 6.46 -32.66 8.11
N PRO A 87 6.89 -33.82 8.66
CA PRO A 87 6.50 -35.11 8.04
C PRO A 87 4.97 -35.27 7.99
N TYR A 88 4.27 -34.85 9.04
CA TYR A 88 2.81 -34.95 9.09
C TYR A 88 2.12 -34.06 8.05
N LEU A 89 2.43 -32.76 8.02
CA LEU A 89 1.77 -31.83 7.10
C LEU A 89 2.13 -32.15 5.65
N LEU A 90 3.34 -32.66 5.39
CA LEU A 90 3.72 -33.07 4.03
C LEU A 90 2.86 -34.26 3.59
N LYS A 91 2.57 -35.20 4.48
CA LYS A 91 1.69 -36.34 4.17
C LYS A 91 0.26 -35.90 3.91
N LYS A 92 -0.16 -34.77 4.48
CA LYS A 92 -1.50 -34.21 4.28
C LYS A 92 -1.58 -33.31 3.01
N GLY A 93 -0.51 -33.26 2.20
CA GLY A 93 -0.52 -32.49 0.96
C GLY A 93 -0.09 -31.03 1.05
N CYS A 94 0.56 -30.64 2.15
CA CYS A 94 1.02 -29.26 2.30
C CYS A 94 2.37 -29.07 1.57
N TYR A 95 2.73 -27.82 1.32
CA TYR A 95 3.88 -27.48 0.48
C TYR A 95 5.20 -27.45 1.22
N PRO A 97 8.47 -25.97 2.24
CA PRO A 97 9.07 -24.63 2.13
C PRO A 97 10.54 -24.74 1.72
N SER A 98 11.13 -23.64 1.22
CA SER A 98 12.52 -23.70 0.81
C SER A 98 13.47 -23.54 1.98
N VAL A 99 13.03 -23.02 3.12
CA VAL A 99 13.87 -22.85 4.30
C VAL A 99 13.17 -23.38 5.54
N ASP A 100 13.93 -24.05 6.42
CA ASP A 100 13.43 -24.47 7.73
C ASP A 100 13.50 -23.22 8.65
N LEU A 101 12.41 -22.48 8.74
CA LEU A 101 12.35 -21.25 9.56
C LEU A 101 12.40 -21.54 11.03
N VAL A 102 11.85 -22.68 11.46
CA VAL A 102 11.87 -23.05 12.90
C VAL A 102 13.32 -23.20 13.35
N ASP A 103 14.10 -23.95 12.59
CA ASP A 103 15.55 -24.13 12.85
C ASP A 103 16.24 -22.78 12.87
N TYR A 105 15.00 -19.61 13.31
CA TYR A 105 14.62 -18.77 14.43
C TYR A 105 15.15 -19.29 15.75
N LEU A 106 15.14 -20.60 15.95
CA LEU A 106 15.69 -21.17 17.19
C LEU A 106 17.20 -20.86 17.30
N ARG A 107 17.94 -20.94 16.20
CA ARG A 107 19.40 -20.63 16.21
C ARG A 107 19.62 -19.15 16.47
N LEU A 108 18.83 -18.28 15.85
CA LEU A 108 18.95 -16.84 16.07
C LEU A 108 18.56 -16.46 17.49
N ALA A 109 17.50 -17.07 18.04
CA ALA A 109 17.07 -16.80 19.42
C ALA A 109 18.17 -17.21 20.38
N GLU A 110 18.87 -18.32 20.11
CA GLU A 110 19.95 -18.74 20.99
C GLU A 110 21.14 -17.80 20.88
N LYS A 111 21.46 -17.39 19.67
CA LYS A 111 22.57 -16.47 19.44
C LYS A 111 22.38 -15.15 20.20
N TYR A 112 21.15 -14.64 20.24
CA TYR A 112 20.87 -13.34 20.90
C TYR A 112 20.21 -13.49 22.26
N ASN A 113 20.25 -14.71 22.82
CA ASN A 113 19.78 -15.06 24.14
C ASN A 113 18.34 -14.60 24.37
N LYS A 115 14.05 -15.98 24.16
CA LYS A 115 13.17 -17.13 24.28
C LYS A 115 12.33 -17.19 23.05
N PHE A 116 12.28 -18.37 22.41
CA PHE A 116 11.46 -18.60 21.24
C PHE A 116 10.18 -19.30 21.67
N TYR A 117 9.03 -18.77 21.23
CA TYR A 117 7.73 -19.39 21.39
C TYR A 117 7.25 -19.93 20.06
N PHE A 118 6.80 -21.19 20.04
CA PHE A 118 6.33 -21.89 18.88
C PHE A 118 4.82 -21.71 18.70
N GLY A 119 4.41 -21.09 17.59
CA GLY A 119 2.99 -20.91 17.29
C GLY A 119 2.39 -22.16 16.71
N LEU A 120 1.21 -22.54 17.20
CA LEU A 120 0.55 -23.74 16.72
C LEU A 120 0.05 -23.59 15.28
N TYR A 121 -0.23 -24.71 14.65
CA TYR A 121 -0.64 -24.79 13.27
C TYR A 121 -2.08 -24.29 13.11
N ASP A 122 -2.33 -23.57 12.03
CA ASP A 122 -3.64 -23.01 11.68
C ASP A 122 -4.10 -23.67 10.37
N SER A 123 -5.07 -24.58 10.47
CA SER A 123 -5.50 -25.33 9.28
C SER A 123 -6.43 -24.58 8.34
N GLY A 124 -7.06 -23.50 8.80
CA GLY A 124 -8.06 -22.77 8.04
C GLY A 124 -9.47 -23.22 8.31
N ARG A 125 -9.66 -24.40 8.93
CA ARG A 125 -10.98 -24.97 9.20
C ARG A 125 -11.78 -24.13 10.19
N TYR A 126 -11.12 -23.64 11.26
CA TYR A 126 -11.79 -22.75 12.20
C TYR A 126 -12.23 -21.46 11.48
N TRP A 127 -11.34 -20.85 10.70
CA TRP A 127 -11.72 -19.62 9.96
C TRP A 127 -12.89 -19.86 9.01
N ASP A 128 -12.98 -21.03 8.41
CA ASP A 128 -14.05 -21.33 7.48
C ASP A 128 -15.38 -21.74 8.15
N THR A 129 -15.38 -22.12 9.44
CA THR A 129 -16.59 -22.61 10.12
C THR A 129 -17.01 -21.86 11.38
N GLY A 130 -16.07 -21.26 12.10
CA GLY A 130 -16.34 -20.63 13.37
C GLY A 130 -16.23 -21.60 14.55
N ASP A 131 -15.88 -22.87 14.29
CA ASP A 131 -15.71 -23.87 15.36
C ASP A 131 -14.18 -24.12 15.57
N LEU A 132 -13.63 -23.64 16.72
CA LEU A 132 -12.19 -23.78 16.98
CA LEU A 132 -12.20 -23.77 17.02
C LEU A 132 -11.76 -25.22 17.26
N SER A 133 -12.72 -26.12 17.59
CA SER A 133 -12.40 -27.53 17.86
C SER A 133 -11.78 -28.23 16.64
N TRP A 134 -11.98 -27.74 15.41
CA TRP A 134 -11.34 -28.30 14.20
C TRP A 134 -9.81 -28.20 14.24
N GLU A 135 -9.23 -27.28 15.02
CA GLU A 135 -7.77 -27.06 15.06
C GLU A 135 -7.00 -28.00 15.99
N ILE A 136 -7.71 -28.81 16.80
CA ILE A 136 -7.01 -29.64 17.76
C ILE A 136 -6.24 -30.78 17.07
N GLU A 137 -6.89 -31.50 16.15
CA GLU A 137 -6.33 -32.73 15.62
C GLU A 137 -4.97 -32.59 14.96
N ASP A 138 -4.80 -31.67 14.01
CA ASP A 138 -3.50 -31.51 13.34
C ASP A 138 -2.44 -31.10 14.33
N ASN A 139 -2.82 -30.33 15.35
CA ASN A 139 -1.85 -29.88 16.35
C ASN A 139 -1.41 -30.98 17.27
N LYS A 140 -2.20 -32.06 17.40
CA LYS A 140 -1.72 -33.20 18.15
C LYS A 140 -0.45 -33.78 17.51
N TYR A 141 -0.40 -33.84 16.18
CA TYR A 141 0.76 -34.37 15.45
C TYR A 141 1.87 -33.35 15.40
N VAL A 142 1.53 -32.08 15.16
CA VAL A 142 2.52 -31.00 15.08
C VAL A 142 3.25 -30.83 16.44
N ILE A 143 2.53 -30.75 17.55
CA ILE A 143 3.18 -30.57 18.87
C ILE A 143 4.15 -31.73 19.14
N ASP A 144 3.73 -32.95 18.88
CA ASP A 144 4.56 -34.14 19.08
C ASP A 144 5.82 -34.11 18.23
N GLU A 145 5.69 -33.90 16.92
CA GLU A 145 6.88 -33.94 16.09
C GLU A 145 7.79 -32.72 16.36
N VAL A 146 7.25 -31.55 16.72
CA VAL A 146 8.08 -30.39 16.96
C VAL A 146 8.84 -30.54 18.28
N TRP A 147 8.21 -31.11 19.31
CA TRP A 147 8.96 -31.35 20.56
C TRP A 147 10.16 -32.27 20.29
N LYS A 148 9.94 -33.32 19.50
CA LYS A 148 11.00 -34.28 19.20
C LYS A 148 12.07 -33.72 18.27
N TYR A 150 12.69 -30.40 17.56
CA TYR A 150 13.27 -29.14 17.99
C TYR A 150 13.29 -28.89 19.49
N GLY A 151 12.17 -29.08 20.18
CA GLY A 151 12.06 -28.80 21.60
C GLY A 151 13.12 -29.48 22.45
N GLU A 152 13.42 -30.72 22.14
CA GLU A 152 14.42 -31.50 22.88
C GLU A 152 15.84 -31.17 22.47
N LYS A 153 16.06 -30.46 21.34
CA LYS A 153 17.39 -30.23 20.80
C LYS A 153 17.87 -28.80 20.86
N TYR A 154 16.98 -27.80 20.98
CA TYR A 154 17.37 -26.41 20.93
C TYR A 154 17.03 -25.73 22.25
N LYS A 155 18.06 -25.16 22.84
CA LYS A 155 18.01 -24.45 24.13
C LYS A 155 17.04 -23.28 24.18
N SER A 156 16.87 -22.60 23.06
CA SER A 156 16.02 -21.43 23.02
C SER A 156 14.51 -21.73 22.88
N PHE A 157 14.11 -23.00 22.73
CA PHE A 157 12.67 -23.36 22.67
C PHE A 157 12.10 -23.14 24.05
N GLY A 158 11.39 -22.04 24.21
CA GLY A 158 10.97 -21.55 25.51
C GLY A 158 9.50 -21.48 25.83
N GLY A 159 8.65 -21.81 24.88
CA GLY A 159 7.22 -21.66 25.09
C GLY A 159 6.40 -21.96 23.86
N TRP A 160 5.09 -21.89 24.04
CA TRP A 160 4.10 -22.20 23.03
C TRP A 160 3.10 -21.07 22.90
N TYR A 161 2.73 -20.75 21.66
CA TYR A 161 1.74 -19.73 21.38
C TYR A 161 0.55 -20.46 20.79
N ILE A 162 -0.58 -20.41 21.48
CA ILE A 162 -1.83 -21.07 21.03
C ILE A 162 -2.48 -20.08 20.08
N SER A 163 -2.28 -20.30 18.77
CA SER A 163 -2.58 -19.36 17.70
C SER A 163 -4.03 -19.26 17.24
N GLY A 164 -4.93 -20.03 17.84
CA GLY A 164 -6.35 -19.93 17.53
C GLY A 164 -6.93 -18.64 18.08
N GLU A 165 -7.14 -17.62 17.23
CA GLU A 165 -7.60 -16.30 17.68
C GLU A 165 -9.11 -16.17 17.77
N ILE A 166 -9.60 -15.61 18.87
CA ILE A 166 -11.00 -15.32 19.08
C ILE A 166 -11.12 -13.96 19.74
N SER A 167 -12.34 -13.42 19.78
CA SER A 167 -12.65 -12.22 20.55
C SER A 167 -13.85 -12.40 21.48
N ARG A 168 -14.75 -13.31 21.15
CA ARG A 168 -16.00 -13.53 21.87
C ARG A 168 -16.16 -15.01 22.20
N ALA A 169 -17.19 -15.35 22.97
CA ALA A 169 -17.59 -16.74 23.20
C ALA A 169 -17.65 -17.45 21.84
N THR A 170 -16.93 -18.55 21.68
CA THR A 170 -16.76 -19.23 20.40
C THR A 170 -16.96 -20.72 20.54
N LYS A 171 -17.68 -21.33 19.58
CA LYS A 171 -17.91 -22.76 19.58
C LYS A 171 -16.58 -23.50 19.62
N GLY A 172 -16.45 -24.41 20.58
CA GLY A 172 -15.27 -25.25 20.74
C GLY A 172 -14.00 -24.58 21.22
N ALA A 173 -14.00 -23.26 21.50
CA ALA A 173 -12.75 -22.58 21.89
C ALA A 173 -12.19 -23.04 23.26
N ILE A 174 -13.02 -23.08 24.31
CA ILE A 174 -12.56 -23.50 25.63
C ILE A 174 -11.95 -24.89 25.56
N ASP A 175 -12.61 -25.83 24.87
CA ASP A 175 -12.10 -27.19 24.82
CA ASP A 175 -12.12 -27.21 24.75
C ASP A 175 -10.84 -27.27 23.92
N ALA A 176 -10.75 -26.45 22.86
CA ALA A 176 -9.57 -26.43 22.03
C ALA A 176 -8.37 -25.87 22.79
N PHE A 177 -8.57 -24.77 23.52
CA PHE A 177 -7.49 -24.18 24.31
C PHE A 177 -7.04 -25.14 25.42
N ARG A 178 -7.99 -25.82 26.06
CA ARG A 178 -7.68 -26.79 27.11
C ARG A 178 -6.86 -27.95 26.55
N ALA A 179 -7.26 -28.49 25.40
CA ALA A 179 -6.55 -29.64 24.81
C ALA A 179 -5.16 -29.27 24.34
N GLY A 181 -3.32 -26.52 25.14
CA GLY A 181 -2.47 -26.13 26.27
C GLY A 181 -1.97 -27.32 27.08
N LYS A 182 -2.85 -28.28 27.33
CA LYS A 182 -2.46 -29.47 28.12
C LYS A 182 -1.38 -30.29 27.38
N GLN A 183 -1.54 -30.52 26.07
CA GLN A 183 -0.55 -31.29 25.34
C GLN A 183 0.78 -30.59 25.31
N CYS A 184 0.78 -29.30 25.07
CA CYS A 184 2.02 -28.53 25.08
C CYS A 184 2.72 -28.68 26.42
N LYS A 185 2.01 -28.42 27.48
CA LYS A 185 2.61 -28.47 28.82
C LYS A 185 3.11 -29.85 29.18
N ASP A 186 2.31 -30.88 28.89
CA ASP A 186 2.69 -32.26 29.20
C ASP A 186 3.93 -32.68 28.44
N ILE A 187 3.98 -32.41 27.13
CA ILE A 187 5.13 -32.86 26.35
C ILE A 187 6.41 -32.11 26.68
N SER A 188 6.30 -30.85 27.11
CA SER A 188 7.48 -30.03 27.33
C SER A 188 7.84 -29.87 28.79
N ASN A 189 7.18 -30.60 29.66
CA ASN A 189 7.39 -30.56 31.11
C ASN A 189 7.13 -29.13 31.67
N GLY A 190 6.06 -28.54 31.21
CA GLY A 190 5.54 -27.28 31.74
C GLY A 190 6.04 -25.97 31.18
N LEU A 191 6.47 -25.90 29.93
CA LEU A 191 6.86 -24.60 29.38
C LEU A 191 5.64 -23.67 29.33
N PRO A 192 5.88 -22.37 29.36
CA PRO A 192 4.76 -21.44 29.33
C PRO A 192 3.96 -21.47 28.02
N THR A 193 2.69 -21.15 28.13
CA THR A 193 1.75 -21.05 27.01
C THR A 193 1.01 -19.71 27.07
N PHE A 194 0.58 -19.22 25.95
CA PHE A 194 -0.23 -17.99 25.93
C PHE A 194 -1.09 -17.94 24.70
N ILE A 195 -2.13 -17.10 24.79
CA ILE A 195 -3.06 -16.81 23.71
C ILE A 195 -3.01 -15.29 23.42
N SER A 196 -3.40 -14.89 22.22
CA SER A 196 -3.46 -13.46 21.85
C SER A 196 -4.79 -13.18 21.13
N PRO A 197 -5.88 -13.18 21.90
CA PRO A 197 -7.20 -12.87 21.32
C PRO A 197 -7.32 -11.37 21.00
N TRP A 198 -8.46 -10.93 20.50
CA TRP A 198 -8.69 -9.52 20.23
C TRP A 198 -9.99 -9.09 20.93
N ILE A 199 -10.20 -7.78 21.05
CA ILE A 199 -11.41 -7.22 21.67
C ILE A 199 -12.38 -6.94 20.55
N ASP A 200 -13.63 -7.30 20.70
CA ASP A 200 -14.64 -7.09 19.65
C ASP A 200 -15.17 -5.63 19.66
N GLY A 201 -14.24 -4.72 19.46
CA GLY A 201 -14.49 -3.29 19.52
C GLY A 201 -14.93 -2.65 18.20
N LYS A 202 -15.03 -1.33 18.21
CA LYS A 202 -15.52 -0.55 17.05
C LYS A 202 -14.67 -0.70 15.79
N LYS A 203 -13.39 -1.12 15.91
CA LYS A 203 -12.55 -1.33 14.74
C LYS A 203 -12.48 -2.80 14.32
N ALA A 204 -13.27 -3.69 14.95
CA ALA A 204 -13.30 -5.10 14.57
C ALA A 204 -14.31 -5.25 13.44
N ILE A 205 -13.90 -4.82 12.25
CA ILE A 205 -14.74 -4.75 11.05
C ILE A 205 -14.43 -5.88 10.06
N GLY A 209 -18.14 -3.52 7.02
CA GLY A 209 -17.75 -2.41 6.16
C GLY A 209 -17.21 -1.21 6.90
N LYS A 210 -16.73 -0.18 6.14
CA LYS A 210 -16.15 1.07 6.65
C LYS A 210 -14.80 0.77 7.39
N LEU A 211 -14.29 1.73 8.20
CA LEU A 211 -13.09 1.56 9.03
C LEU A 211 -13.48 1.42 10.53
N THR A 212 -14.78 1.70 10.86
CA THR A 212 -15.32 1.63 12.22
C THR A 212 -16.82 1.25 12.18
N ARG A 213 -17.45 0.97 13.35
CA ARG A 213 -18.88 0.62 13.47
C ARG A 213 -19.47 1.03 14.84
N GLU A 214 -20.78 0.70 15.11
CA GLU A 214 -21.52 1.19 16.27
C GLU A 214 -22.03 0.09 17.24
N ASP A 215 -21.85 -1.22 16.94
CA ASP A 215 -22.30 -2.31 17.82
C ASP A 215 -21.09 -3.07 18.47
N ALA A 216 -20.11 -2.29 18.92
CA ALA A 216 -18.94 -2.82 19.60
C ALA A 216 -19.39 -3.48 20.91
N VAL A 217 -18.66 -4.50 21.34
CA VAL A 217 -18.98 -5.17 22.60
C VAL A 217 -18.87 -4.20 23.78
N SER A 218 -19.75 -4.35 24.75
CA SER A 218 -19.67 -3.55 25.98
C SER A 218 -18.60 -4.14 26.87
N VAL A 219 -18.07 -3.34 27.78
CA VAL A 219 -17.09 -3.84 28.75
C VAL A 219 -17.72 -4.98 29.58
N GLN A 220 -18.99 -4.80 29.96
CA GLN A 220 -19.72 -5.77 30.77
C GLN A 220 -19.88 -7.12 30.06
N GLN A 221 -20.25 -7.13 28.77
CA GLN A 221 -20.43 -8.39 28.02
C GLN A 221 -19.07 -9.05 27.74
N HIS A 222 -18.06 -8.25 27.45
CA HIS A 222 -16.70 -8.75 27.26
C HIS A 222 -16.23 -9.48 28.53
N GLU A 223 -16.42 -8.84 29.69
CA GLU A 223 -16.07 -9.39 31.01
C GLU A 223 -16.80 -10.71 31.26
N LYS A 224 -18.10 -10.75 30.98
CA LYS A 224 -18.87 -11.98 31.15
C LYS A 224 -18.33 -13.16 30.33
N GLU A 225 -18.07 -12.93 29.06
CA GLU A 225 -17.64 -14.03 28.19
C GLU A 225 -16.21 -14.47 28.51
N TRP A 226 -15.31 -13.53 28.81
CA TRP A 226 -13.92 -13.89 29.10
C TRP A 226 -13.76 -14.45 30.49
N ASN A 227 -14.67 -14.12 31.41
CA ASN A 227 -14.67 -14.76 32.73
C ASN A 227 -14.88 -16.27 32.55
N GLU A 228 -15.80 -16.65 31.66
CA GLU A 228 -16.07 -18.06 31.39
C GLU A 228 -14.91 -18.73 30.69
N ILE A 229 -14.30 -18.03 29.72
CA ILE A 229 -13.17 -18.60 28.98
C ILE A 229 -11.99 -18.79 29.94
N PHE A 230 -11.62 -17.78 30.72
CA PHE A 230 -10.48 -17.96 31.64
C PHE A 230 -10.76 -19.00 32.71
N ASP A 231 -11.97 -19.09 33.18
CA ASP A 231 -12.32 -20.15 34.14
C ASP A 231 -12.02 -21.53 33.55
N GLY A 232 -12.29 -21.71 32.26
CA GLY A 232 -12.04 -22.97 31.58
C GLY A 232 -10.62 -23.27 31.19
N ILE A 233 -9.78 -22.26 30.93
CA ILE A 233 -8.45 -22.49 30.37
C ILE A 233 -7.28 -22.16 31.26
N HIS A 234 -7.48 -21.46 32.37
CA HIS A 234 -6.35 -20.92 33.15
C HIS A 234 -5.35 -21.96 33.67
N GLU A 235 -5.74 -23.22 33.82
CA GLU A 235 -4.80 -24.22 34.34
C GLU A 235 -3.75 -24.61 33.30
N VAL A 236 -3.99 -24.37 32.02
CA VAL A 236 -3.02 -24.71 30.97
C VAL A 236 -2.66 -23.54 30.06
N VAL A 237 -3.18 -22.33 30.30
CA VAL A 237 -2.83 -21.12 29.55
C VAL A 237 -2.29 -20.13 30.59
N ASP A 238 -1.00 -19.82 30.54
CA ASP A 238 -0.34 -18.98 31.55
C ASP A 238 -0.58 -17.50 31.41
N ALA A 239 -0.77 -17.01 30.18
CA ALA A 239 -0.91 -15.60 29.94
C ALA A 239 -1.88 -15.35 28.83
N CYS A 240 -2.48 -14.19 28.87
CA CYS A 240 -3.35 -13.73 27.78
C CYS A 240 -2.80 -12.37 27.34
N ALA A 241 -2.64 -12.20 26.03
CA ALA A 241 -2.09 -10.98 25.42
C ALA A 241 -3.10 -10.40 24.45
N PHE A 242 -4.14 -9.72 24.95
CA PHE A 242 -5.12 -9.17 24.02
C PHE A 242 -4.46 -8.22 23.05
N GLN A 243 -4.83 -8.34 21.79
CA GLN A 243 -4.52 -7.38 20.74
C GLN A 243 -5.18 -6.09 21.20
N ASP A 244 -4.47 -4.99 21.22
CA ASP A 244 -5.03 -3.75 21.77
C ASP A 244 -5.66 -2.77 20.74
N GLY A 245 -5.69 -3.13 19.48
CA GLY A 245 -6.04 -2.18 18.44
C GLY A 245 -7.47 -2.04 18.01
N HIS A 246 -8.38 -2.92 18.46
CA HIS A 246 -9.76 -2.85 17.93
C HIS A 246 -10.67 -1.93 18.73
N ILE A 247 -10.18 -1.34 19.80
CA ILE A 247 -10.94 -0.39 20.62
C ILE A 247 -10.36 1.01 20.38
N ASP A 248 -11.10 2.02 20.77
CA ASP A 248 -10.68 3.42 20.63
C ASP A 248 -9.67 3.76 21.73
N TYR A 249 -8.87 4.78 21.51
CA TYR A 249 -7.79 5.12 22.46
C TYR A 249 -8.33 5.64 23.80
N ASP A 250 -9.56 6.13 23.86
CA ASP A 250 -10.19 6.56 25.12
C ASP A 250 -10.93 5.38 25.82
N GLU A 251 -10.85 4.16 25.26
CA GLU A 251 -11.47 2.96 25.87
C GLU A 251 -10.42 2.04 26.49
N LEU A 252 -9.13 2.39 26.39
CA LEU A 252 -8.03 1.55 26.86
C LEU A 252 -8.10 1.32 28.34
N ASP A 253 -8.29 2.38 29.14
CA ASP A 253 -8.35 2.19 30.60
C ASP A 253 -9.49 1.27 31.01
N ALA A 254 -10.67 1.40 30.39
CA ALA A 254 -11.81 0.58 30.76
C ALA A 254 -11.57 -0.91 30.46
N PHE A 255 -11.07 -1.22 29.26
CA PHE A 255 -10.84 -2.61 28.89
C PHE A 255 -9.61 -3.18 29.57
N PHE A 256 -8.53 -2.40 29.71
CA PHE A 256 -7.35 -2.93 30.39
C PHE A 256 -7.60 -3.19 31.85
N THR A 257 -8.43 -2.38 32.51
CA THR A 257 -8.78 -2.61 33.91
C THR A 257 -9.53 -3.94 34.05
N VAL A 258 -10.47 -4.22 33.15
CA VAL A 258 -11.23 -5.47 33.19
C VAL A 258 -10.29 -6.66 32.87
N ASN A 259 -9.50 -6.54 31.82
CA ASN A 259 -8.62 -7.64 31.43
C ASN A 259 -7.61 -7.97 32.55
N LYS A 260 -7.09 -6.95 33.27
CA LYS A 260 -6.16 -7.19 34.41
C LYS A 260 -6.91 -7.81 35.58
N LYS A 261 -8.15 -7.36 35.85
CA LYS A 261 -8.94 -7.91 36.93
C LYS A 261 -9.23 -9.42 36.67
N LEU A 262 -9.60 -9.78 35.44
CA LEU A 262 -9.82 -11.19 35.08
C LEU A 262 -8.53 -12.02 35.17
N ALA A 263 -7.39 -11.48 34.73
CA ALA A 263 -6.12 -12.22 34.85
C ALA A 263 -5.78 -12.48 36.30
N ASP A 264 -5.97 -11.47 37.15
CA ASP A 264 -5.74 -11.62 38.58
C ASP A 264 -6.66 -12.66 39.20
N LYS A 265 -7.93 -12.67 38.80
CA LYS A 265 -8.93 -13.60 39.32
C LYS A 265 -8.53 -15.05 39.04
N TYR A 266 -7.93 -15.32 37.90
CA TYR A 266 -7.56 -16.66 37.48
C TYR A 266 -6.06 -16.94 37.54
N GLY A 267 -5.31 -16.08 38.21
CA GLY A 267 -3.87 -16.28 38.39
C GLY A 267 -3.06 -16.34 37.11
N GLN A 269 -0.95 -14.35 33.88
CA GLN A 269 -0.18 -13.13 33.59
CA GLN A 269 -0.19 -13.13 33.57
C GLN A 269 -1.00 -12.31 32.61
N CYS A 270 -0.93 -10.99 32.70
CA CYS A 270 -1.69 -10.09 31.85
C CYS A 270 -0.72 -9.36 30.95
N TRP A 271 -0.72 -9.75 29.69
CA TRP A 271 0.13 -9.13 28.68
C TRP A 271 -0.68 -8.25 27.78
N THR A 272 -0.02 -7.36 27.09
CA THR A 272 -0.67 -6.59 26.02
C THR A 272 0.03 -6.91 24.72
N ASN A 273 -0.74 -7.13 23.65
CA ASN A 273 -0.20 -7.26 22.30
C ASN A 273 -0.42 -5.90 21.69
N ALA A 274 0.61 -5.05 21.82
CA ALA A 274 0.58 -3.66 21.39
C ALA A 274 0.83 -3.59 19.91
N GLU A 275 -0.21 -3.48 19.13
CA GLU A 275 -0.11 -3.43 17.66
C GLU A 275 0.69 -2.22 17.21
N SER A 276 1.70 -2.44 16.36
CA SER A 276 2.59 -1.37 15.89
C SER A 276 2.27 -0.99 14.45
N PHE A 277 1.09 -1.42 13.96
CA PHE A 277 0.54 -1.03 12.64
C PHE A 277 -0.71 -0.21 12.91
N ASP A 278 -1.15 0.57 11.94
CA ASP A 278 -2.26 1.48 12.11
C ASP A 278 -3.56 0.93 11.59
N ARG A 279 -4.57 0.72 12.44
CA ARG A 279 -5.89 0.28 11.98
C ARG A 279 -6.79 1.43 11.50
N ASP A 280 -6.36 2.71 11.58
CA ASP A 280 -7.24 3.84 11.28
C ASP A 280 -7.08 4.36 9.86
N PRO A 282 -6.56 3.85 5.38
CA PRO A 282 -7.16 3.09 4.26
C PRO A 282 -6.19 2.07 3.61
N ILE A 283 -4.95 2.01 4.05
CA ILE A 283 -3.97 0.99 3.59
C ILE A 283 -3.89 0.02 4.75
N ARG A 284 -4.16 -1.27 4.55
CA ARG A 284 -4.14 -2.27 5.59
C ARG A 284 -2.94 -3.17 5.35
N PHE A 285 -1.79 -2.91 5.98
CA PHE A 285 -1.51 -1.96 7.06
C PHE A 285 -0.10 -1.44 6.96
N LEU A 286 0.13 -0.23 7.45
CA LEU A 286 1.45 0.40 7.54
C LEU A 286 1.74 0.74 9.01
N PRO A 287 2.97 1.14 9.34
CA PRO A 287 3.31 1.39 10.74
C PRO A 287 2.45 2.47 11.41
N ILE A 288 2.20 2.26 12.67
CA ILE A 288 1.35 3.16 13.47
C ILE A 288 2.04 4.47 13.75
N LYS A 289 1.25 5.49 13.96
CA LYS A 289 1.67 6.78 14.51
C LYS A 289 2.23 6.52 15.94
N PHE A 290 3.47 6.96 16.19
CA PHE A 290 4.12 6.75 17.46
C PHE A 290 3.23 7.15 18.66
N ASP A 291 2.59 8.31 18.61
CA ASP A 291 1.76 8.74 19.77
C ASP A 291 0.63 7.75 20.08
N LYS A 292 0.05 7.08 19.07
CA LYS A 292 -0.96 6.06 19.31
C LYS A 292 -0.33 4.86 20.05
N LEU A 293 0.85 4.41 19.62
CA LEU A 293 1.51 3.32 20.32
C LEU A 293 1.83 3.72 21.75
N ARG A 294 2.39 4.94 21.92
CA ARG A 294 2.74 5.49 23.25
C ARG A 294 1.52 5.45 24.16
N LYS A 296 -1.05 3.52 24.09
CA LYS A 296 -1.41 2.16 24.41
C LYS A 296 -0.46 1.58 25.43
N LEU A 297 0.86 1.89 25.33
CA LEU A 297 1.83 1.39 26.29
C LEU A 297 1.70 2.09 27.66
N GLU A 298 1.32 3.35 27.66
CA GLU A 298 1.11 4.09 28.89
C GLU A 298 -0.12 3.54 29.64
N ALA A 299 -1.19 3.21 28.89
CA ALA A 299 -2.38 2.61 29.49
C ALA A 299 -2.03 1.24 30.11
N ALA A 300 -1.21 0.43 29.42
CA ALA A 300 -0.81 -0.88 29.95
C ALA A 300 -0.04 -0.73 31.26
N LYS A 301 0.86 0.26 31.32
CA LYS A 301 1.62 0.53 32.53
C LYS A 301 0.68 1.01 33.66
N ARG A 302 -0.27 1.90 33.37
CA ARG A 302 -1.23 2.37 34.39
C ARG A 302 -2.03 1.23 34.96
N ALA A 303 -2.39 0.23 34.12
CA ALA A 303 -3.17 -0.91 34.56
C ALA A 303 -2.33 -1.98 35.22
N GLY A 304 -1.01 -1.84 35.28
CA GLY A 304 -0.15 -2.81 35.93
C GLY A 304 0.11 -4.07 35.15
N TYR A 305 0.18 -3.99 33.82
CA TYR A 305 0.41 -5.17 32.99
C TYR A 305 1.80 -5.75 33.19
N ASP A 306 1.88 -7.07 33.05
CA ASP A 306 3.13 -7.79 33.20
C ASP A 306 4.14 -7.49 32.09
N LYS A 307 3.70 -7.61 30.84
CA LYS A 307 4.58 -7.58 29.68
C LYS A 307 3.87 -7.00 28.48
N ALA A 308 4.63 -6.33 27.62
CA ALA A 308 4.11 -5.87 26.32
C ALA A 308 4.85 -6.57 25.22
N ILE A 309 4.10 -7.13 24.27
CA ILE A 309 4.64 -7.74 23.06
C ILE A 309 4.05 -6.95 21.91
N THR A 310 4.53 -7.14 20.70
CA THR A 310 3.93 -6.46 19.56
C THR A 310 3.80 -7.36 18.34
N PHE A 311 2.73 -7.14 17.59
CA PHE A 311 2.58 -7.56 16.22
C PHE A 311 2.81 -6.24 15.45
N GLU A 312 3.95 -6.03 14.80
CA GLU A 312 5.07 -6.96 14.59
C GLU A 312 6.30 -6.14 14.34
N PHE A 313 7.38 -6.42 15.03
CA PHE A 313 8.58 -5.63 14.90
C PHE A 313 9.14 -5.56 13.46
N SER A 314 9.35 -6.71 12.82
CA SER A 314 10.06 -6.74 11.53
C SER A 314 9.43 -5.86 10.45
N HIS A 315 8.11 -5.82 10.35
CA HIS A 315 7.47 -4.95 9.37
C HIS A 315 7.22 -3.55 9.88
N PHE A 316 6.82 -3.42 11.16
CA PHE A 316 6.28 -2.17 11.64
C PHE A 316 7.17 -1.34 12.55
N SER A 318 10.96 -2.03 12.50
CA SER A 318 12.36 -2.26 12.24
C SER A 318 13.00 -1.23 11.33
N PRO A 319 14.26 -0.85 11.60
CA PRO A 319 15.01 -0.04 10.63
C PRO A 319 15.22 -0.75 9.28
N GLN A 320 15.07 -2.08 9.21
CA GLN A 320 15.22 -2.86 7.99
C GLN A 320 13.92 -3.00 7.20
N SER A 321 12.79 -2.64 7.77
CA SER A 321 11.51 -2.83 7.08
C SER A 321 11.46 -2.09 5.76
N ALA A 322 10.72 -2.70 4.80
CA ALA A 322 10.38 -2.04 3.53
C ALA A 322 9.48 -0.78 3.78
N TYR A 323 8.78 -0.75 4.90
CA TYR A 323 7.97 0.39 5.32
C TYR A 323 8.88 1.32 6.08
N LEU A 324 9.41 2.33 5.44
CA LEU A 324 10.43 3.21 6.05
C LEU A 324 9.88 4.03 7.21
N GLN A 325 8.55 4.10 7.34
CA GLN A 325 7.91 4.74 8.51
C GLN A 325 8.22 3.94 9.79
N ALA A 326 8.56 2.65 9.63
CA ALA A 326 8.93 1.76 10.72
C ALA A 326 10.27 2.15 11.32
N GLY A 327 11.27 2.45 10.49
CA GLY A 327 12.58 2.87 10.99
C GLY A 327 12.45 4.16 11.76
N HIS A 328 11.62 5.08 11.27
CA HIS A 328 11.35 6.34 11.99
C HIS A 328 10.61 6.04 13.30
N LEU A 329 9.66 5.09 13.30
CA LEU A 329 8.96 4.70 14.54
C LEU A 329 9.97 4.21 15.57
N TYR A 330 10.92 3.42 15.12
CA TYR A 330 11.99 2.88 15.98
C TYR A 330 12.76 4.02 16.64
N ASP A 331 13.09 5.08 15.88
CA ASP A 331 13.78 6.24 16.43
C ASP A 331 12.93 7.00 17.43
N ARG A 332 11.63 7.23 17.14
CA ARG A 332 10.74 7.94 18.11
C ARG A 332 10.61 7.11 19.40
N TYR A 333 10.52 5.79 19.25
CA TYR A 333 10.41 4.85 20.38
C TYR A 333 11.66 4.89 21.23
N ARG A 334 12.85 4.84 20.60
CA ARG A 334 14.09 4.92 21.37
C ARG A 334 14.23 6.30 22.08
N GLU A 335 13.81 7.38 21.44
CA GLU A 335 13.85 8.71 22.08
C GLU A 335 12.95 8.77 23.32
N TYR A 336 11.77 8.23 23.20
CA TYR A 336 10.80 8.22 24.29
C TYR A 336 11.25 7.33 25.48
N PHE A 337 11.83 6.18 25.17
CA PHE A 337 12.30 5.22 26.18
C PHE A 337 13.76 5.44 26.57
N GLU A 338 14.41 6.45 26.00
CA GLU A 338 15.80 6.81 26.31
C GLU A 338 16.73 5.62 26.07
N ILE A 339 16.54 4.93 24.94
CA ILE A 339 17.32 3.74 24.58
C ILE A 339 18.47 4.17 23.69
N LYS A 340 19.69 3.78 24.05
CA LYS A 340 20.87 4.15 23.27
C LYS A 340 21.03 3.31 21.96
N PRO B 13 25.18 -3.78 -10.50
CA PRO B 13 24.95 -2.63 -11.34
C PRO B 13 24.88 -1.33 -10.57
N LYS B 14 25.49 -0.26 -11.15
CA LYS B 14 25.54 1.06 -10.54
C LYS B 14 24.93 2.12 -11.48
N ILE B 15 24.13 3.01 -10.91
CA ILE B 15 23.49 4.13 -11.61
C ILE B 15 24.59 4.94 -12.36
N LYS B 16 24.34 5.28 -13.63
CA LYS B 16 25.34 6.04 -14.41
C LYS B 16 25.56 7.43 -13.78
N ALA B 17 26.81 7.91 -13.70
CA ALA B 17 27.05 9.25 -13.15
C ALA B 17 26.72 10.24 -14.24
N GLY B 18 26.38 11.46 -13.86
CA GLY B 18 26.06 12.49 -14.83
C GLY B 18 24.60 12.69 -15.15
N ASP B 19 24.34 13.52 -16.13
CA ASP B 19 22.99 13.78 -16.62
C ASP B 19 22.67 12.75 -17.68
N LEU B 20 21.65 11.96 -17.43
CA LEU B 20 21.08 10.97 -18.34
C LEU B 20 19.61 11.18 -18.16
N GLU B 21 19.19 12.37 -18.58
CA GLU B 21 17.80 12.80 -18.47
CA GLU B 21 17.81 12.82 -18.46
C GLU B 21 17.04 12.39 -19.70
N SER B 22 15.77 12.11 -19.52
CA SER B 22 14.87 11.79 -20.64
C SER B 22 14.81 13.02 -21.53
N LYS B 23 14.59 12.80 -22.80
CA LYS B 23 14.46 13.91 -23.75
CA LYS B 23 14.46 13.90 -23.75
C LYS B 23 13.02 14.34 -23.67
N LEU B 24 12.72 15.59 -23.16
CA LEU B 24 11.31 15.99 -23.07
C LEU B 24 10.79 16.39 -24.45
N ILE B 25 9.59 15.98 -24.77
CA ILE B 25 8.97 16.28 -26.06
C ILE B 25 7.78 17.23 -25.87
N VAL B 26 7.70 17.88 -24.71
CA VAL B 26 6.73 18.93 -24.45
C VAL B 26 7.51 20.16 -24.02
N PRO B 27 6.89 21.35 -24.14
CA PRO B 27 7.58 22.57 -23.64
C PRO B 27 7.81 22.52 -22.12
N LYS B 28 8.99 22.96 -21.71
CA LYS B 28 9.35 22.98 -20.29
C LYS B 28 8.79 24.23 -19.60
N ASN B 29 8.72 24.19 -18.29
CA ASN B 29 8.23 25.29 -17.43
C ASN B 29 6.94 25.86 -17.96
N ASN B 30 5.97 25.01 -18.28
CA ASN B 30 4.73 25.44 -18.90
C ASN B 30 3.53 25.17 -18.02
N GLY B 31 3.76 25.06 -16.71
CA GLY B 31 2.71 24.90 -15.72
C GLY B 31 2.98 25.84 -14.56
N LEU B 32 2.03 26.01 -13.74
CA LEU B 32 2.17 26.85 -12.57
C LEU B 32 3.01 26.11 -11.55
N LYS B 33 4.07 26.72 -11.05
CA LYS B 33 4.92 26.05 -10.07
C LYS B 33 4.20 25.93 -8.75
N ILE B 34 4.49 24.86 -8.00
CA ILE B 34 3.95 24.65 -6.64
C ILE B 34 4.77 25.51 -5.68
N THR B 35 4.12 26.43 -5.01
CA THR B 35 4.82 27.31 -4.07
C THR B 35 4.25 27.20 -2.66
N GLY B 36 3.36 26.26 -2.43
CA GLY B 36 2.85 25.95 -1.10
C GLY B 36 2.56 24.48 -0.93
N THR B 37 2.63 24.00 0.33
CA THR B 37 2.24 22.64 0.61
C THR B 37 1.53 22.57 1.91
N PHE B 38 0.58 21.63 1.99
CA PHE B 38 0.03 21.24 3.25
C PHE B 38 1.07 20.47 4.01
N LEU B 39 0.90 20.46 5.30
CA LEU B 39 1.61 19.68 6.29
C LEU B 39 0.51 18.80 6.82
N ASP B 40 0.53 17.48 6.56
CA ASP B 40 -0.59 16.60 6.85
C ASP B 40 -0.68 16.19 8.31
N GLU B 41 -1.01 17.15 9.16
CA GLU B 41 -1.25 16.98 10.58
C GLU B 41 -2.52 17.77 10.93
N ILE B 42 -3.54 17.22 11.61
CA ILE B 42 -3.75 15.81 11.89
C ILE B 42 -4.31 15.17 10.63
N SER B 43 -3.70 14.10 10.14
CA SER B 43 -4.14 13.45 8.92
C SER B 43 -5.44 12.69 9.10
N HIS B 44 -6.30 12.75 8.11
CA HIS B 44 -7.49 11.91 8.11
C HIS B 44 -7.18 10.47 7.70
N ASP B 45 -6.26 10.30 6.74
CA ASP B 45 -6.13 9.02 6.05
C ASP B 45 -4.80 8.75 5.37
N ILE B 46 -3.73 9.43 5.76
CA ILE B 46 -2.39 9.14 5.21
C ILE B 46 -1.53 8.60 6.36
N PRO B 47 -0.98 7.38 6.23
CA PRO B 47 -0.20 6.80 7.33
C PRO B 47 0.97 7.69 7.74
N HIS B 48 1.18 7.75 9.02
CA HIS B 48 2.17 8.64 9.63
C HIS B 48 3.58 8.19 9.32
N GLN B 49 4.49 9.16 9.05
CA GLN B 49 5.89 8.78 8.75
C GLN B 49 6.78 8.75 10.00
N ASN B 50 6.27 9.17 11.15
CA ASN B 50 6.96 9.10 12.45
C ASN B 50 8.22 9.96 12.46
N TRP B 51 8.14 11.08 11.79
CA TRP B 51 9.24 12.03 11.76
C TRP B 51 9.30 12.85 13.04
N GLY B 52 10.52 13.23 13.42
CA GLY B 52 10.81 14.14 14.51
C GLY B 52 11.29 15.45 13.92
N GLU B 53 11.73 16.36 14.79
CA GLU B 53 12.17 17.68 14.33
C GLU B 53 13.33 17.60 13.34
N LYS B 54 14.24 16.64 13.49
CA LYS B 54 15.37 16.50 12.53
C LYS B 54 14.89 16.25 11.11
N GLU B 55 13.95 15.33 10.97
CA GLU B 55 13.36 14.98 9.68
C GLU B 55 12.54 16.13 9.12
N TRP B 56 11.80 16.84 9.97
CA TRP B 56 10.99 17.96 9.48
C TRP B 56 11.88 19.10 9.03
N ASP B 57 12.97 19.37 9.74
CA ASP B 57 13.94 20.39 9.32
C ASP B 57 14.49 20.06 7.93
N LEU B 58 14.88 18.81 7.73
CA LEU B 58 15.39 18.39 6.42
C LEU B 58 14.30 18.50 5.33
N ASP B 59 13.04 18.18 5.66
CA ASP B 59 11.99 18.33 4.66
C ASP B 59 11.76 19.77 4.29
N PHE B 60 11.87 20.68 5.24
CA PHE B 60 11.72 22.11 4.93
C PHE B 60 12.84 22.55 3.97
N GLN B 61 14.05 21.98 4.11
CA GLN B 61 15.15 22.25 3.19
C GLN B 61 14.83 21.75 1.77
N HIS B 62 14.20 20.56 1.65
CA HIS B 62 13.81 20.00 0.34
C HIS B 62 12.73 20.90 -0.28
N LYS B 64 12.32 24.23 0.36
CA LYS B 64 12.93 25.50 0.01
C LYS B 64 13.65 25.42 -1.32
N ARG B 65 14.33 24.30 -1.58
CA ARG B 65 15.04 24.11 -2.85
C ARG B 65 14.15 24.30 -4.06
N ILE B 66 12.87 23.89 -4.00
CA ILE B 66 11.98 24.04 -5.16
C ILE B 66 11.11 25.29 -5.11
N GLY B 67 11.33 26.19 -4.16
CA GLY B 67 10.62 27.45 -4.11
C GLY B 67 9.31 27.44 -3.36
N ILE B 68 9.10 26.49 -2.46
CA ILE B 68 7.92 26.52 -1.61
C ILE B 68 8.13 27.70 -0.65
N ASP B 69 7.12 28.55 -0.52
CA ASP B 69 7.20 29.72 0.37
C ASP B 69 6.08 29.72 1.42
N THR B 70 5.17 28.76 1.35
CA THR B 70 3.99 28.69 2.21
C THR B 70 3.76 27.27 2.68
N VAL B 71 3.55 27.07 3.98
CA VAL B 71 3.24 25.75 4.55
C VAL B 71 1.94 25.87 5.34
N ILE B 72 1.05 24.90 5.14
CA ILE B 72 -0.28 24.95 5.73
C ILE B 72 -0.52 23.72 6.56
N ILE B 74 -2.71 21.32 8.04
CA ILE B 74 -4.06 21.09 7.51
C ILE B 74 -5.20 21.15 8.54
N ARG B 75 -5.03 20.63 9.76
CA ARG B 75 -6.05 20.73 10.79
C ARG B 75 -5.43 20.58 12.16
N SER B 76 -5.57 21.64 12.97
CA SER B 76 -4.94 21.73 14.26
C SER B 76 -5.39 20.63 15.24
N GLY B 77 -6.50 20.01 14.94
CA GLY B 77 -6.90 18.77 15.56
C GLY B 77 -7.94 18.06 14.74
N TYR B 78 -8.10 16.80 15.02
CA TYR B 78 -9.10 15.97 14.37
C TYR B 78 -9.70 15.06 15.43
N ARG B 79 -10.97 15.30 15.79
CA ARG B 79 -11.65 14.56 16.86
C ARG B 79 -10.79 14.66 18.15
N LYS B 80 -10.29 13.56 18.74
CA LYS B 80 -9.52 13.68 20.00
C LYS B 80 -8.01 13.89 19.82
N PHE B 81 -7.54 13.95 18.60
CA PHE B 81 -6.11 14.18 18.33
C PHE B 81 -5.87 15.67 18.09
N THR B 83 -2.55 18.89 17.59
CA THR B 83 -1.19 19.23 17.16
C THR B 83 -0.44 20.11 18.13
N TYR B 84 -1.11 20.61 19.16
CA TYR B 84 -0.48 21.50 20.15
C TYR B 84 -1.20 21.31 21.51
N PRO B 85 -0.63 21.76 22.64
CA PRO B 85 -1.25 21.51 23.95
C PRO B 85 -2.36 22.52 24.22
N SER B 86 -3.50 22.31 23.57
CA SER B 86 -4.66 23.18 23.68
C SER B 86 -5.33 23.11 25.03
N PRO B 87 -5.33 24.19 25.86
CA PRO B 87 -6.05 24.12 27.14
C PRO B 87 -7.54 23.78 26.93
N TYR B 88 -8.16 24.32 25.88
CA TYR B 88 -9.58 24.05 25.61
C TYR B 88 -9.84 22.59 25.23
N LEU B 89 -9.11 22.06 24.23
CA LEU B 89 -9.34 20.69 23.77
C LEU B 89 -8.97 19.67 24.85
N LEU B 90 -7.95 19.98 25.67
CA LEU B 90 -7.61 19.09 26.79
C LEU B 90 -8.75 19.03 27.81
N LYS B 91 -9.42 20.16 28.07
CA LYS B 91 -10.58 20.17 28.98
C LYS B 91 -11.75 19.39 28.41
N LYS B 92 -11.86 19.30 27.08
CA LYS B 92 -12.90 18.53 26.41
C LYS B 92 -12.55 17.02 26.29
N GLY B 93 -11.46 16.57 26.88
CA GLY B 93 -11.09 15.15 26.86
C GLY B 93 -10.23 14.69 25.70
N CYS B 94 -9.61 15.60 24.98
CA CYS B 94 -8.75 15.24 23.85
C CYS B 94 -7.35 14.84 24.36
N TYR B 95 -6.58 14.17 23.50
CA TYR B 95 -5.30 13.57 23.89
C TYR B 95 -4.12 14.51 23.83
N PRO B 97 -0.66 15.52 22.89
CA PRO B 97 0.35 14.97 21.95
C PRO B 97 1.73 15.01 22.59
N SER B 98 2.69 14.26 22.05
CA SER B 98 4.02 14.27 22.65
C SER B 98 4.86 15.43 22.18
N VAL B 99 4.47 16.10 21.08
CA VAL B 99 5.23 17.23 20.55
C VAL B 99 4.28 18.36 20.21
N ASP B 100 4.70 19.60 20.49
CA ASP B 100 3.95 20.78 20.07
C ASP B 100 4.34 21.04 18.60
N LEU B 101 3.56 20.52 17.66
CA LEU B 101 3.83 20.67 16.23
C LEU B 101 3.64 22.09 15.75
N VAL B 102 2.71 22.84 16.35
CA VAL B 102 2.48 24.23 15.95
C VAL B 102 3.75 25.04 16.20
N ASP B 103 4.33 24.91 17.40
CA ASP B 103 5.59 25.55 17.77
C ASP B 103 6.69 25.13 16.79
N TYR B 105 6.53 23.80 13.64
CA TYR B 105 6.33 24.32 12.28
C TYR B 105 6.54 25.81 12.21
N LEU B 106 6.08 26.57 13.19
CA LEU B 106 6.30 28.02 13.20
C LEU B 106 7.80 28.35 13.24
N ARG B 107 8.59 27.61 14.03
CA ARG B 107 10.04 27.83 14.12
C ARG B 107 10.71 27.45 12.80
N LEU B 108 10.29 26.35 12.18
CA LEU B 108 10.88 25.91 10.92
C LEU B 108 10.49 26.90 9.80
N ALA B 109 9.24 27.37 9.78
CA ALA B 109 8.81 28.35 8.77
C ALA B 109 9.64 29.62 8.89
N GLU B 110 9.93 30.05 10.13
CA GLU B 110 10.73 31.25 10.30
C GLU B 110 12.17 31.02 9.86
N LYS B 111 12.73 29.88 10.20
CA LYS B 111 14.09 29.53 9.81
C LYS B 111 14.27 29.55 8.29
N TYR B 112 13.28 29.05 7.55
CA TYR B 112 13.38 28.96 6.09
C TYR B 112 12.59 30.05 5.37
N ASN B 113 12.20 31.12 6.10
CA ASN B 113 11.51 32.28 5.60
C ASN B 113 10.29 31.91 4.77
N LYS B 115 5.82 31.44 5.04
CA LYS B 115 4.57 31.81 5.74
C LYS B 115 3.87 30.55 6.19
N PHE B 116 3.49 30.50 7.47
CA PHE B 116 2.77 29.38 8.04
C PHE B 116 1.29 29.74 8.11
N TYR B 117 0.43 28.85 7.62
CA TYR B 117 -1.03 28.96 7.73
C TYR B 117 -1.53 27.92 8.74
N PHE B 118 -2.38 28.34 9.66
CA PHE B 118 -2.95 27.52 10.71
C PHE B 118 -4.29 26.93 10.28
N GLY B 119 -4.36 25.61 10.21
CA GLY B 119 -5.60 24.93 9.88
C GLY B 119 -6.53 24.84 11.07
N LEU B 120 -7.81 25.14 10.86
CA LEU B 120 -8.78 25.10 11.94
C LEU B 120 -9.06 23.67 12.40
N TYR B 121 -9.60 23.57 13.60
CA TYR B 121 -9.90 22.31 14.24
C TYR B 121 -11.08 21.61 13.53
N ASP B 122 -10.98 20.30 13.41
CA ASP B 122 -12.02 19.44 12.82
C ASP B 122 -12.55 18.51 13.91
N SER B 123 -13.75 18.76 14.40
CA SER B 123 -14.30 17.97 15.52
C SER B 123 -14.85 16.61 15.13
N GLY B 124 -15.12 16.38 13.87
CA GLY B 124 -15.75 15.16 13.38
C GLY B 124 -17.26 15.26 13.27
N ARG B 125 -17.88 16.28 13.91
CA ARG B 125 -19.34 16.45 13.93
C ARG B 125 -19.91 16.74 12.55
N TYR B 126 -19.22 17.58 11.75
CA TYR B 126 -19.64 17.82 10.39
C TYR B 126 -19.57 16.50 9.58
N TRP B 127 -18.46 15.77 9.68
CA TRP B 127 -18.35 14.50 8.93
C TRP B 127 -19.46 13.50 9.32
N ASP B 128 -19.86 13.49 10.59
CA ASP B 128 -20.89 12.59 11.07
C ASP B 128 -22.33 13.04 10.76
N THR B 129 -22.57 14.31 10.41
CA THR B 129 -23.93 14.83 10.19
C THR B 129 -24.19 15.47 8.83
N GLY B 130 -23.17 16.03 8.20
CA GLY B 130 -23.34 16.78 6.96
C GLY B 130 -23.61 18.24 7.18
N ASP B 131 -23.61 18.71 8.47
CA ASP B 131 -23.91 20.11 8.78
C ASP B 131 -22.62 20.75 9.24
N LEU B 132 -22.07 21.65 8.42
CA LEU B 132 -20.78 22.27 8.74
C LEU B 132 -20.85 23.27 9.89
N SER B 133 -22.04 23.75 10.24
CA SER B 133 -22.18 24.74 11.31
C SER B 133 -21.77 24.16 12.67
N TRP B 134 -21.70 22.79 12.84
CA TRP B 134 -21.21 22.17 14.08
C TRP B 134 -19.74 22.50 14.37
N GLU B 135 -18.96 22.88 13.35
CA GLU B 135 -17.53 23.15 13.54
C GLU B 135 -17.24 24.54 14.09
N ILE B 136 -18.24 25.41 14.13
CA ILE B 136 -18.00 26.78 14.57
C ILE B 136 -17.59 26.87 16.05
N GLU B 137 -18.35 26.22 16.96
CA GLU B 137 -18.16 26.43 18.39
C GLU B 137 -16.76 26.13 18.91
N ASP B 138 -16.21 24.96 18.64
CA ASP B 138 -14.85 24.63 19.15
C ASP B 138 -13.82 25.57 18.57
N ASN B 139 -14.00 25.98 17.28
CA ASN B 139 -13.04 26.88 16.67
C ASN B 139 -13.12 28.28 17.29
N LYS B 140 -14.24 28.69 17.91
CA LYS B 140 -14.24 29.97 18.62
C LYS B 140 -13.17 29.99 19.72
N TYR B 141 -13.01 28.88 20.43
CA TYR B 141 -12.02 28.77 21.50
C TYR B 141 -10.63 28.54 20.95
N VAL B 142 -10.51 27.70 19.90
CA VAL B 142 -9.22 27.39 19.29
C VAL B 142 -8.59 28.64 18.69
N ILE B 143 -9.35 29.36 17.85
CA ILE B 143 -8.85 30.59 17.26
C ILE B 143 -8.36 31.56 18.35
N ASP B 144 -9.15 31.77 19.41
CA ASP B 144 -8.81 32.70 20.49
C ASP B 144 -7.49 32.31 21.19
N GLU B 145 -7.33 31.05 21.55
CA GLU B 145 -6.14 30.63 22.30
C GLU B 145 -4.91 30.57 21.41
N VAL B 146 -5.08 30.16 20.17
CA VAL B 146 -3.98 30.06 19.22
C VAL B 146 -3.43 31.45 18.85
N TRP B 147 -4.27 32.45 18.69
CA TRP B 147 -3.75 33.81 18.45
C TRP B 147 -2.90 34.27 19.64
N LYS B 148 -3.36 34.00 20.85
CA LYS B 148 -2.64 34.42 22.05
C LYS B 148 -1.37 33.63 22.27
N TYR B 150 0.34 31.62 19.97
CA TYR B 150 1.24 31.57 18.81
C TYR B 150 1.21 32.81 17.90
N GLY B 151 0.03 33.23 17.47
CA GLY B 151 -0.11 34.32 16.49
C GLY B 151 0.58 35.62 16.88
N GLU B 152 0.52 35.97 18.17
CA GLU B 152 1.16 37.18 18.71
C GLU B 152 2.64 37.01 18.99
N LYS B 153 3.16 35.77 19.01
CA LYS B 153 4.54 35.51 19.40
C LYS B 153 5.47 35.06 18.30
N TYR B 154 4.96 34.49 17.20
CA TYR B 154 5.81 33.94 16.14
C TYR B 154 5.60 34.72 14.85
N LYS B 155 6.72 35.22 14.31
CA LYS B 155 6.80 36.01 13.09
C LYS B 155 6.20 35.30 11.89
N SER B 156 6.37 33.99 11.80
CA SER B 156 5.95 33.24 10.62
C SER B 156 4.44 32.91 10.58
N PHE B 157 3.66 33.23 11.64
CA PHE B 157 2.21 32.98 11.61
C PHE B 157 1.59 33.97 10.61
N GLY B 158 1.25 33.47 9.43
CA GLY B 158 0.82 34.33 8.34
C GLY B 158 -0.55 34.17 7.75
N GLY B 159 -1.32 33.25 8.25
CA GLY B 159 -2.61 32.99 7.68
C GLY B 159 -3.38 31.87 8.33
N TRP B 160 -4.60 31.69 7.86
CA TRP B 160 -5.54 30.70 8.38
C TRP B 160 -6.08 29.85 7.27
N TYR B 161 -6.20 28.55 7.51
CA TYR B 161 -6.78 27.62 6.57
C TYR B 161 -8.09 27.15 7.19
N ILE B 162 -9.21 27.43 6.53
CA ILE B 162 -10.55 27.04 7.00
C ILE B 162 -10.75 25.62 6.49
N SER B 163 -10.51 24.65 7.37
CA SER B 163 -10.37 23.24 7.04
C SER B 163 -11.67 22.44 6.82
N GLY B 164 -12.82 23.07 6.97
CA GLY B 164 -14.10 22.42 6.68
C GLY B 164 -14.27 22.19 5.18
N GLU B 165 -14.06 20.94 4.71
CA GLU B 165 -14.10 20.63 3.29
C GLU B 165 -15.48 20.27 2.77
N ILE B 166 -15.88 20.88 1.64
CA ILE B 166 -17.12 20.59 0.95
C ILE B 166 -16.84 20.52 -0.54
N SER B 167 -17.80 20.02 -1.31
CA SER B 167 -17.77 20.08 -2.78
C SER B 167 -19.03 20.68 -3.37
N ARG B 168 -20.17 20.59 -2.66
CA ARG B 168 -21.47 21.03 -3.13
C ARG B 168 -22.15 21.92 -2.11
N ALA B 169 -23.30 22.49 -2.46
CA ALA B 169 -24.15 23.21 -1.51
C ALA B 169 -24.32 22.35 -0.26
N THR B 170 -23.98 22.89 0.91
CA THR B 170 -23.92 22.09 2.16
C THR B 170 -24.61 22.83 3.29
N LYS B 171 -25.40 22.10 4.09
CA LYS B 171 -26.10 22.66 5.22
C LYS B 171 -25.10 23.35 6.15
N GLY B 172 -25.38 24.61 6.47
CA GLY B 172 -24.55 25.40 7.37
C GLY B 172 -23.18 25.83 6.89
N ALA B 173 -22.77 25.49 5.66
CA ALA B 173 -21.40 25.82 5.20
C ALA B 173 -21.17 27.31 5.03
N ILE B 174 -22.11 28.01 4.42
CA ILE B 174 -21.93 29.45 4.16
C ILE B 174 -21.82 30.19 5.52
N ASP B 175 -22.69 29.84 6.46
CA ASP B 175 -22.67 30.43 7.79
C ASP B 175 -21.40 30.07 8.55
N ALA B 176 -20.94 28.83 8.37
CA ALA B 176 -19.72 28.37 9.04
C ALA B 176 -18.51 29.09 8.54
N PHE B 177 -18.35 29.17 7.23
CA PHE B 177 -17.21 29.85 6.61
C PHE B 177 -17.22 31.32 6.97
N ARG B 178 -18.39 31.95 6.98
CA ARG B 178 -18.51 33.37 7.37
C ARG B 178 -18.07 33.59 8.80
N ALA B 179 -18.51 32.74 9.73
CA ALA B 179 -18.18 32.91 11.15
C ALA B 179 -16.72 32.66 11.42
N GLY B 181 -14.13 32.59 9.17
CA GLY B 181 -13.32 33.60 8.50
C GLY B 181 -13.32 34.93 9.21
N LYS B 182 -14.49 35.38 9.67
CA LYS B 182 -14.56 36.67 10.38
C LYS B 182 -13.75 36.65 11.67
N GLN B 183 -13.86 35.59 12.47
CA GLN B 183 -13.11 35.54 13.72
C GLN B 183 -11.61 35.51 13.47
N CYS B 184 -11.17 34.72 12.49
CA CYS B 184 -9.75 34.68 12.11
C CYS B 184 -9.24 36.08 11.74
N LYS B 185 -9.97 36.75 10.89
CA LYS B 185 -9.55 38.07 10.41
C LYS B 185 -9.57 39.12 11.50
N ASP B 186 -10.62 39.12 12.30
CA ASP B 186 -10.75 40.09 13.41
C ASP B 186 -9.64 39.94 14.42
N ILE B 187 -9.35 38.70 14.87
CA ILE B 187 -8.37 38.50 15.92
C ILE B 187 -6.97 38.78 15.43
N SER B 188 -6.69 38.56 14.15
CA SER B 188 -5.32 38.66 13.62
C SER B 188 -5.07 39.94 12.85
N ASN B 189 -6.01 40.87 12.89
CA ASN B 189 -5.93 42.14 12.16
C ASN B 189 -5.78 41.92 10.64
N GLY B 190 -6.57 41.01 10.11
CA GLY B 190 -6.69 40.79 8.70
C GLY B 190 -5.74 39.84 8.00
N LEU B 191 -5.19 38.84 8.68
CA LEU B 191 -4.35 37.89 7.93
C LEU B 191 -5.18 37.13 6.89
N PRO B 192 -4.53 36.65 5.85
CA PRO B 192 -5.28 35.93 4.80
C PRO B 192 -5.91 34.65 5.28
N THR B 193 -7.02 34.28 4.64
CA THR B 193 -7.74 33.04 4.89
C THR B 193 -8.00 32.32 3.57
N PHE B 194 -8.13 31.03 3.59
CA PHE B 194 -8.51 30.28 2.38
C PHE B 194 -9.19 28.99 2.74
N ILE B 195 -9.90 28.44 1.75
CA ILE B 195 -10.57 27.15 1.82
C ILE B 195 -9.98 26.25 0.70
N SER B 196 -10.10 24.94 0.85
CA SER B 196 -9.66 23.97 -0.16
C SER B 196 -10.76 22.90 -0.35
N PRO B 197 -11.85 23.31 -1.00
CA PRO B 197 -12.94 22.35 -1.29
C PRO B 197 -12.53 21.38 -2.40
N TRP B 198 -13.41 20.49 -2.81
CA TRP B 198 -13.13 19.56 -3.91
C TRP B 198 -14.28 19.66 -4.93
N ILE B 199 -14.06 19.14 -6.12
CA ILE B 199 -15.06 19.14 -7.20
C ILE B 199 -15.77 17.82 -7.14
N ASP B 200 -17.09 17.81 -7.21
CA ASP B 200 -17.88 16.57 -7.10
C ASP B 200 -17.89 15.80 -8.44
N GLY B 201 -16.70 15.44 -8.88
CA GLY B 201 -16.47 14.80 -10.17
C GLY B 201 -16.56 13.30 -10.17
N LYS B 202 -16.13 12.71 -11.30
CA LYS B 202 -16.25 11.29 -11.51
C LYS B 202 -15.41 10.43 -10.57
N LYS B 203 -14.37 11.00 -9.96
CA LYS B 203 -13.55 10.26 -9.02
C LYS B 203 -13.95 10.56 -7.56
N ALA B 204 -15.03 11.32 -7.31
CA ALA B 204 -15.49 11.61 -5.95
C ALA B 204 -16.38 10.44 -5.54
N ILE B 205 -15.76 9.31 -5.24
CA ILE B 205 -16.44 8.03 -4.97
C ILE B 205 -16.50 7.68 -3.47
N ARG B 213 -17.89 6.68 -11.18
CA ARG B 213 -19.17 7.39 -11.19
C ARG B 213 -19.62 7.84 -12.55
N GLU B 214 -20.94 7.80 -12.78
CA GLU B 214 -21.57 8.34 -13.99
C GLU B 214 -22.43 9.60 -13.69
N ASP B 215 -22.65 9.97 -12.38
CA ASP B 215 -23.46 11.15 -12.02
C ASP B 215 -22.58 12.27 -11.41
N ALA B 216 -21.44 12.53 -12.05
CA ALA B 216 -20.55 13.61 -11.66
C ALA B 216 -21.28 14.93 -11.86
N VAL B 217 -20.96 15.92 -11.05
CA VAL B 217 -21.60 17.22 -11.18
C VAL B 217 -21.30 17.84 -12.56
N SER B 218 -22.28 18.51 -13.13
CA SER B 218 -22.05 19.25 -14.39
C SER B 218 -21.31 20.54 -14.08
N VAL B 219 -20.63 21.10 -15.06
CA VAL B 219 -19.97 22.39 -14.89
C VAL B 219 -21.01 23.44 -14.51
N GLN B 220 -22.21 23.40 -15.14
CA GLN B 220 -23.28 24.35 -14.92
C GLN B 220 -23.78 24.31 -13.48
N GLN B 221 -24.02 23.12 -12.93
CA GLN B 221 -24.51 22.99 -11.54
C GLN B 221 -23.42 23.36 -10.54
N HIS B 222 -22.19 23.00 -10.82
CA HIS B 222 -21.06 23.38 -9.97
C HIS B 222 -20.97 24.91 -9.91
N GLU B 223 -21.09 25.60 -11.06
CA GLU B 223 -21.01 27.06 -11.08
C GLU B 223 -22.17 27.67 -10.29
N LYS B 224 -23.34 27.12 -10.46
CA LYS B 224 -24.51 27.65 -9.78
C LYS B 224 -24.34 27.60 -8.28
N GLU B 225 -23.89 26.47 -7.78
CA GLU B 225 -23.77 26.32 -6.34
C GLU B 225 -22.61 27.14 -5.76
N TRP B 226 -21.47 27.16 -6.44
CA TRP B 226 -20.32 27.90 -5.95
C TRP B 226 -20.48 29.39 -6.14
N ASN B 227 -21.31 29.82 -7.08
CA ASN B 227 -21.68 31.24 -7.19
C ASN B 227 -22.35 31.69 -5.89
N GLU B 228 -23.25 30.84 -5.37
CA GLU B 228 -23.94 31.16 -4.11
C GLU B 228 -22.98 31.13 -2.92
N ILE B 229 -22.08 30.15 -2.88
CA ILE B 229 -21.16 30.05 -1.77
C ILE B 229 -20.22 31.23 -1.77
N PHE B 230 -19.59 31.53 -2.91
CA PHE B 230 -18.64 32.65 -2.99
C PHE B 230 -19.33 33.99 -2.70
N ASP B 231 -20.60 34.17 -3.12
CA ASP B 231 -21.37 35.36 -2.78
C ASP B 231 -21.47 35.55 -1.27
N GLY B 232 -21.66 34.45 -0.54
CA GLY B 232 -21.79 34.49 0.91
C GLY B 232 -20.50 34.61 1.69
N ILE B 233 -19.37 34.15 1.16
CA ILE B 233 -18.13 34.09 1.97
C ILE B 233 -16.98 34.99 1.53
N HIS B 234 -17.02 35.58 0.33
CA HIS B 234 -15.87 36.29 -0.20
C HIS B 234 -15.35 37.45 0.67
N GLU B 235 -16.15 38.03 1.55
CA GLU B 235 -15.67 39.15 2.35
C GLU B 235 -14.69 38.69 3.43
N VAL B 236 -14.71 37.42 3.81
CA VAL B 236 -13.80 36.90 4.84
C VAL B 236 -12.99 35.68 4.39
N VAL B 237 -13.12 35.22 3.15
CA VAL B 237 -12.33 34.13 2.59
C VAL B 237 -11.59 34.72 1.38
N ASP B 238 -10.26 34.87 1.45
CA ASP B 238 -9.46 35.54 0.41
C ASP B 238 -9.18 34.70 -0.81
N ALA B 239 -9.07 33.40 -0.66
CA ALA B 239 -8.72 32.50 -1.75
C ALA B 239 -9.45 31.22 -1.64
N CYS B 240 -9.61 30.57 -2.78
CA CYS B 240 -10.19 29.24 -2.84
C CYS B 240 -9.21 28.39 -3.63
N ALA B 241 -8.87 27.22 -3.09
CA ALA B 241 -7.90 26.29 -3.68
C ALA B 241 -8.56 24.95 -3.91
N PHE B 242 -9.35 24.84 -4.97
CA PHE B 242 -10.01 23.55 -5.21
C PHE B 242 -8.99 22.45 -5.36
N GLN B 243 -9.27 21.32 -4.71
CA GLN B 243 -8.57 20.06 -4.92
C GLN B 243 -8.81 19.73 -6.39
N ASP B 244 -7.76 19.42 -7.14
CA ASP B 244 -7.93 19.23 -8.61
C ASP B 244 -8.12 17.77 -9.06
N GLY B 245 -8.13 16.82 -8.13
CA GLY B 245 -8.06 15.42 -8.51
C GLY B 245 -9.31 14.64 -8.78
N HIS B 246 -10.50 15.17 -8.47
CA HIS B 246 -11.71 14.36 -8.60
C HIS B 246 -12.36 14.43 -9.99
N ILE B 247 -11.79 15.22 -10.90
CA ILE B 247 -12.28 15.33 -12.27
C ILE B 247 -11.27 14.64 -13.18
N ASP B 248 -11.69 14.32 -14.39
CA ASP B 248 -10.78 13.71 -15.37
C ASP B 248 -9.87 14.78 -15.97
N TYR B 249 -8.75 14.34 -16.52
CA TYR B 249 -7.72 15.26 -17.03
C TYR B 249 -8.17 16.05 -18.26
N ASP B 250 -9.17 15.57 -18.97
CA ASP B 250 -9.72 16.31 -20.12
C ASP B 250 -10.89 17.26 -19.66
N GLU B 251 -11.17 17.34 -18.35
CA GLU B 251 -12.19 18.24 -17.80
C GLU B 251 -11.56 19.43 -17.07
N LEU B 252 -10.22 19.51 -17.02
CA LEU B 252 -9.51 20.55 -16.27
C LEU B 252 -9.80 21.92 -16.82
N ASP B 253 -9.71 22.09 -18.15
CA ASP B 253 -9.96 23.42 -18.73
C ASP B 253 -11.39 23.90 -18.44
N ALA B 254 -12.38 23.04 -18.54
CA ALA B 254 -13.77 23.44 -18.30
C ALA B 254 -13.98 23.91 -16.87
N PHE B 255 -13.52 23.11 -15.88
CA PHE B 255 -13.72 23.48 -14.48
C PHE B 255 -12.81 24.63 -14.06
N PHE B 256 -11.56 24.65 -14.50
CA PHE B 256 -10.69 25.75 -14.10
C PHE B 256 -11.16 27.08 -14.66
N THR B 257 -11.72 27.09 -15.86
CA THR B 257 -12.24 28.31 -16.46
C THR B 257 -13.42 28.85 -15.60
N VAL B 258 -14.30 27.96 -15.17
CA VAL B 258 -15.41 28.36 -14.32
C VAL B 258 -14.93 28.81 -12.93
N ASN B 259 -14.02 28.09 -12.30
CA ASN B 259 -13.52 28.44 -10.98
C ASN B 259 -12.79 29.81 -11.01
N LYS B 260 -12.13 30.12 -12.10
CA LYS B 260 -11.42 31.40 -12.26
C LYS B 260 -12.44 32.53 -12.49
N LYS B 261 -13.45 32.26 -13.28
CA LYS B 261 -14.55 33.22 -13.53
C LYS B 261 -15.26 33.62 -12.22
N LEU B 262 -15.60 32.60 -11.39
CA LEU B 262 -16.19 32.83 -10.06
C LEU B 262 -15.27 33.59 -9.12
N ALA B 263 -14.00 33.24 -9.08
CA ALA B 263 -13.04 34.00 -8.26
C ALA B 263 -12.99 35.46 -8.69
N ASP B 264 -12.93 35.70 -9.99
CA ASP B 264 -12.90 37.08 -10.52
C ASP B 264 -14.17 37.87 -10.18
N LYS B 265 -15.33 37.22 -10.28
CA LYS B 265 -16.61 37.85 -9.96
C LYS B 265 -16.67 38.33 -8.52
N TYR B 266 -16.08 37.57 -7.61
CA TYR B 266 -16.12 37.88 -6.17
C TYR B 266 -14.81 38.39 -5.59
N GLY B 267 -13.87 38.77 -6.46
CA GLY B 267 -12.62 39.35 -6.03
C GLY B 267 -11.76 38.47 -5.16
N GLN B 269 -8.73 35.36 -4.75
CA GLN B 269 -7.58 34.73 -5.43
C GLN B 269 -7.98 33.34 -5.83
N CYS B 270 -7.48 32.90 -6.96
CA CYS B 270 -7.82 31.59 -7.50
C CYS B 270 -6.60 30.69 -7.44
N TRP B 271 -6.62 29.79 -6.48
CA TRP B 271 -5.52 28.85 -6.30
C TRP B 271 -5.90 27.48 -6.79
N THR B 272 -4.91 26.63 -7.01
CA THR B 272 -5.16 25.22 -7.27
C THR B 272 -4.48 24.40 -6.18
N ASN B 273 -5.18 23.39 -5.67
CA ASN B 273 -4.60 22.42 -4.76
C ASN B 273 -4.29 21.23 -5.66
N ALA B 274 -3.07 21.23 -6.18
CA ALA B 274 -2.60 20.23 -7.12
C ALA B 274 -2.19 18.98 -6.37
N GLU B 275 -3.07 18.00 -6.33
CA GLU B 275 -2.81 16.75 -5.62
C GLU B 275 -1.62 16.02 -6.22
N SER B 276 -0.65 15.63 -5.36
CA SER B 276 0.56 14.95 -5.81
C SER B 276 0.53 13.47 -5.49
N PHE B 277 -0.68 12.94 -5.17
CA PHE B 277 -0.93 11.52 -4.98
C PHE B 277 -1.87 11.07 -6.10
N ASP B 278 -1.87 9.77 -6.42
CA ASP B 278 -2.64 9.24 -7.50
C ASP B 278 -4.01 8.72 -7.05
N ARG B 279 -5.09 9.26 -7.60
CA ARG B 279 -6.45 8.80 -7.31
C ARG B 279 -6.90 7.68 -8.27
N ASP B 280 -6.10 7.31 -9.26
CA ASP B 280 -6.52 6.32 -10.26
C ASP B 280 -6.08 4.91 -9.95
N PRO B 282 -5.37 1.36 -7.24
CA PRO B 282 -6.06 0.58 -6.19
C PRO B 282 -5.44 0.70 -4.78
N ILE B 283 -4.34 1.43 -4.62
CA ILE B 283 -3.72 1.71 -3.33
C ILE B 283 -4.05 3.16 -3.05
N ARG B 284 -4.73 3.47 -1.94
CA ARG B 284 -5.11 4.83 -1.60
C ARG B 284 -4.25 5.32 -0.47
N PHE B 285 -3.13 6.04 -0.70
CA PHE B 285 -2.66 6.61 -1.97
C PHE B 285 -1.17 6.64 -2.01
N LEU B 286 -0.60 6.55 -3.21
CA LEU B 286 0.84 6.66 -3.44
C LEU B 286 1.09 7.82 -4.39
N PRO B 287 2.38 8.22 -4.55
CA PRO B 287 2.67 9.37 -5.40
C PRO B 287 2.10 9.27 -6.81
N ILE B 288 1.70 10.44 -7.34
CA ILE B 288 1.13 10.54 -8.68
C ILE B 288 2.20 10.37 -9.76
N LYS B 289 1.75 9.90 -10.93
CA LYS B 289 2.54 9.92 -12.14
C LYS B 289 2.84 11.40 -12.51
N PHE B 290 4.11 11.73 -12.67
CA PHE B 290 4.53 13.09 -13.00
C PHE B 290 3.70 13.72 -14.13
N ASP B 291 3.49 13.00 -15.23
CA ASP B 291 2.75 13.59 -16.37
C ASP B 291 1.35 13.99 -15.99
N LYS B 292 0.73 13.31 -15.02
CA LYS B 292 -0.61 13.73 -14.57
C LYS B 292 -0.51 15.04 -13.80
N LEU B 293 0.48 15.16 -12.90
CA LEU B 293 0.68 16.39 -12.13
C LEU B 293 0.99 17.54 -13.13
N ARG B 294 1.85 17.24 -14.10
CA ARG B 294 2.27 18.24 -15.12
C ARG B 294 1.03 18.76 -15.83
N LYS B 296 -2.04 18.93 -14.84
CA LYS B 296 -2.86 19.74 -13.93
C LYS B 296 -2.25 21.10 -13.72
N LEU B 297 -0.93 21.19 -13.61
CA LEU B 297 -0.25 22.48 -13.43
C LEU B 297 -0.30 23.29 -14.74
N GLU B 298 -0.23 22.58 -15.89
CA GLU B 298 -0.34 23.23 -17.20
C GLU B 298 -1.73 23.85 -17.37
N ALA B 299 -2.78 23.15 -16.98
CA ALA B 299 -4.14 23.67 -17.05
C ALA B 299 -4.30 24.90 -16.14
N ALA B 300 -3.72 24.87 -14.93
CA ALA B 300 -3.82 26.01 -14.02
C ALA B 300 -3.18 27.25 -14.62
N LYS B 301 -2.01 27.07 -15.25
CA LYS B 301 -1.32 28.18 -15.90
C LYS B 301 -2.15 28.71 -17.09
N ARG B 302 -2.74 27.83 -17.91
CA ARG B 302 -3.58 28.27 -19.03
C ARG B 302 -4.78 29.09 -18.54
N ALA B 303 -5.33 28.74 -17.39
CA ALA B 303 -6.49 29.45 -16.83
C ALA B 303 -6.10 30.71 -16.06
N GLY B 304 -4.80 31.00 -15.91
CA GLY B 304 -4.36 32.20 -15.22
C GLY B 304 -4.45 32.15 -13.71
N TYR B 305 -4.26 30.97 -13.10
CA TYR B 305 -4.32 30.84 -11.66
C TYR B 305 -3.20 31.60 -10.95
N ASP B 306 -3.46 32.04 -9.73
CA ASP B 306 -2.54 32.87 -8.95
C ASP B 306 -1.52 32.08 -8.24
N LYS B 307 -1.85 30.89 -7.74
CA LYS B 307 -0.92 30.08 -6.97
C LYS B 307 -1.27 28.63 -7.02
N ALA B 308 -0.25 27.76 -6.95
CA ALA B 308 -0.46 26.32 -6.85
C ALA B 308 0.10 25.87 -5.51
N ILE B 309 -0.70 25.14 -4.77
CA ILE B 309 -0.27 24.48 -3.54
C ILE B 309 -0.48 22.99 -3.78
N THR B 310 0.03 22.13 -2.88
CA THR B 310 -0.19 20.70 -3.04
C THR B 310 -0.49 20.02 -1.74
N PHE B 311 -1.36 19.04 -1.81
CA PHE B 311 -1.50 17.97 -0.82
C PHE B 311 -0.77 16.80 -1.49
N GLU B 312 0.43 16.41 -1.05
CA GLU B 312 1.20 16.92 0.09
C GLU B 312 2.65 16.63 -0.16
N PHE B 313 3.49 17.61 0.01
CA PHE B 313 4.91 17.44 -0.30
C PHE B 313 5.58 16.32 0.46
N SER B 314 5.48 16.32 1.80
CA SER B 314 6.25 15.38 2.63
C SER B 314 6.06 13.89 2.26
N HIS B 315 4.85 13.48 1.96
CA HIS B 315 4.60 12.09 1.56
C HIS B 315 4.77 11.85 0.10
N PHE B 316 4.32 12.80 -0.73
CA PHE B 316 4.19 12.53 -2.15
C PHE B 316 5.21 13.16 -3.08
N SER B 318 8.53 14.34 -1.57
CA SER B 318 9.81 14.54 -0.90
C SER B 318 10.84 13.46 -1.15
N PRO B 319 12.11 13.83 -1.31
CA PRO B 319 13.18 12.80 -1.31
C PRO B 319 13.29 11.99 -0.02
N GLN B 320 12.70 12.49 1.09
CA GLN B 320 12.71 11.82 2.37
C GLN B 320 11.50 10.91 2.59
N SER B 321 10.50 10.96 1.71
CA SER B 321 9.32 10.15 1.91
C SER B 321 9.61 8.64 1.92
N ALA B 322 8.81 7.91 2.72
CA ALA B 322 8.82 6.44 2.72
C ALA B 322 8.37 5.88 1.36
N TYR B 323 7.62 6.69 0.58
CA TYR B 323 7.19 6.33 -0.76
C TYR B 323 8.28 6.82 -1.69
N LEU B 324 9.16 5.92 -2.10
CA LEU B 324 10.35 6.30 -2.89
C LEU B 324 9.99 6.83 -4.27
N GLN B 325 8.74 6.60 -4.72
CA GLN B 325 8.23 7.19 -5.97
C GLN B 325 8.15 8.70 -5.86
N ALA B 326 8.06 9.22 -4.63
CA ALA B 326 8.03 10.64 -4.32
C ALA B 326 9.37 11.32 -4.62
N GLY B 327 10.47 10.71 -4.23
CA GLY B 327 11.80 11.25 -4.52
C GLY B 327 12.05 11.32 -6.01
N HIS B 328 11.60 10.29 -6.74
CA HIS B 328 11.70 10.31 -8.18
C HIS B 328 10.78 11.38 -8.78
N LEU B 329 9.57 11.56 -8.23
CA LEU B 329 8.67 12.64 -8.68
C LEU B 329 9.36 14.01 -8.52
N TYR B 330 10.05 14.17 -7.42
CA TYR B 330 10.78 15.42 -7.13
C TYR B 330 11.82 15.69 -8.22
N ASP B 331 12.54 14.64 -8.65
CA ASP B 331 13.53 14.75 -9.72
C ASP B 331 12.88 15.10 -11.06
N ARG B 332 11.77 14.44 -11.42
CA ARG B 332 11.05 14.75 -12.70
C ARG B 332 10.53 16.18 -12.68
N TYR B 333 10.03 16.63 -11.53
CA TYR B 333 9.53 18.00 -11.31
C TYR B 333 10.64 19.02 -11.50
N ARG B 334 11.79 18.78 -10.88
CA ARG B 334 12.92 19.69 -11.04
C ARG B 334 13.42 19.76 -12.46
N GLU B 335 13.39 18.62 -13.17
CA GLU B 335 13.82 18.61 -14.55
C GLU B 335 12.90 19.46 -15.46
N TYR B 336 11.61 19.31 -15.30
CA TYR B 336 10.61 20.05 -16.08
C TYR B 336 10.63 21.53 -15.80
N PHE B 337 10.90 21.93 -14.55
CA PHE B 337 10.93 23.32 -14.14
C PHE B 337 12.33 23.90 -14.09
N GLU B 338 13.34 23.13 -14.49
CA GLU B 338 14.74 23.53 -14.56
C GLU B 338 15.21 24.12 -13.21
N ILE B 339 14.88 23.39 -12.13
CA ILE B 339 15.25 23.81 -10.77
C ILE B 339 16.55 23.15 -10.42
N LYS B 340 17.53 23.93 -9.97
CA LYS B 340 18.85 23.40 -9.61
C LYS B 340 18.86 22.68 -8.24
N LEU C 20 25.91 -14.48 6.01
CA LEU C 20 24.97 -15.59 6.19
C LEU C 20 24.13 -15.81 4.93
N GLU C 21 23.60 -17.03 4.82
CA GLU C 21 22.71 -17.44 3.73
C GLU C 21 21.80 -18.52 4.27
N SER C 22 20.49 -18.51 3.95
CA SER C 22 19.61 -19.56 4.46
C SER C 22 20.03 -20.91 3.87
N LYS C 23 19.83 -21.97 4.66
CA LYS C 23 20.11 -23.33 4.19
C LYS C 23 18.87 -23.76 3.43
N LEU C 24 18.94 -23.94 2.08
CA LEU C 24 17.74 -24.35 1.38
C LEU C 24 17.48 -25.83 1.61
N ILE C 25 16.21 -26.22 1.76
CA ILE C 25 15.87 -27.62 2.00
C ILE C 25 15.11 -28.19 0.77
N VAL C 26 15.14 -27.47 -0.36
CA VAL C 26 14.64 -27.94 -1.65
C VAL C 26 15.80 -27.85 -2.64
N PRO C 27 15.79 -28.63 -3.72
CA PRO C 27 16.86 -28.50 -4.71
C PRO C 27 16.86 -27.10 -5.39
N LYS C 28 18.06 -26.53 -5.58
CA LYS C 28 18.22 -25.28 -6.31
C LYS C 28 18.04 -25.47 -7.81
N ASN C 29 17.84 -24.35 -8.53
CA ASN C 29 17.81 -24.34 -9.98
C ASN C 29 16.90 -25.44 -10.53
N ASN C 30 15.67 -25.55 -10.00
CA ASN C 30 14.74 -26.62 -10.36
C ASN C 30 13.44 -26.09 -10.96
N GLY C 31 13.50 -24.89 -11.51
CA GLY C 31 12.34 -24.25 -12.13
C GLY C 31 12.71 -23.53 -13.40
N LEU C 32 11.71 -23.04 -14.15
CA LEU C 32 12.00 -22.33 -15.40
C LEU C 32 12.44 -20.92 -15.07
N LYS C 33 13.69 -20.52 -15.48
CA LYS C 33 14.19 -19.16 -15.21
C LYS C 33 13.36 -18.11 -15.92
N ILE C 34 13.19 -16.94 -15.34
CA ILE C 34 12.46 -15.85 -16.00
C ILE C 34 13.43 -15.22 -17.01
N THR C 35 13.03 -15.15 -18.26
CA THR C 35 13.91 -14.55 -19.28
C THR C 35 13.23 -13.40 -20.02
N GLY C 36 12.06 -12.99 -19.58
CA GLY C 36 11.37 -11.83 -20.12
C GLY C 36 10.60 -11.10 -19.05
N THR C 37 10.39 -9.79 -19.25
CA THR C 37 9.56 -9.01 -18.35
C THR C 37 8.75 -8.00 -19.13
N PHE C 38 7.56 -7.74 -18.62
CA PHE C 38 6.79 -6.61 -19.06
C PHE C 38 7.47 -5.37 -18.52
N LEU C 39 7.27 -4.28 -19.22
CA LEU C 39 7.52 -2.89 -18.84
C LEU C 39 6.14 -2.33 -18.67
N ASP C 40 5.75 -1.96 -17.45
CA ASP C 40 4.36 -1.59 -17.15
C ASP C 40 4.04 -0.15 -17.53
N GLU C 41 3.97 0.08 -18.84
CA GLU C 41 3.57 1.34 -19.47
C GLU C 41 2.63 1.01 -20.61
N ILE C 42 1.43 1.60 -20.75
CA ILE C 42 0.74 2.44 -19.75
C ILE C 42 0.11 1.49 -18.73
N SER C 43 0.37 1.69 -17.45
CA SER C 43 -0.16 0.80 -16.42
C SER C 43 -1.65 0.99 -16.20
N HIS C 44 -2.37 -0.10 -15.99
CA HIS C 44 -3.75 -0.02 -15.57
C HIS C 44 -3.91 0.34 -14.10
N ASP C 45 -3.05 -0.21 -13.25
CA ASP C 45 -3.29 -0.22 -11.82
C ASP C 45 -2.08 -0.37 -10.91
N ILE C 46 -0.88 -0.08 -11.41
CA ILE C 46 0.32 -0.12 -10.57
C ILE C 46 0.84 1.33 -10.46
N PRO C 47 0.99 1.87 -9.24
CA PRO C 47 1.43 3.27 -9.09
C PRO C 47 2.79 3.49 -9.75
N HIS C 48 2.91 4.63 -10.39
CA HIS C 48 4.07 4.99 -11.18
C HIS C 48 5.28 5.25 -10.31
N GLN C 49 6.48 4.80 -10.74
CA GLN C 49 7.69 5.04 -9.93
C GLN C 49 8.41 6.35 -10.30
N ASN C 50 7.96 7.05 -11.37
CA ASN C 50 8.49 8.33 -11.75
C ASN C 50 9.95 8.26 -12.14
N TRP C 51 10.30 7.15 -12.81
CA TRP C 51 11.65 6.96 -13.30
C TRP C 51 11.89 7.76 -14.59
N GLY C 52 13.13 8.18 -14.78
CA GLY C 52 13.61 8.78 -16.01
C GLY C 52 14.54 7.79 -16.71
N GLU C 53 15.20 8.25 -17.77
CA GLU C 53 16.08 7.38 -18.52
C GLU C 53 17.23 6.81 -17.66
N LYS C 54 17.74 7.57 -16.71
CA LYS C 54 18.84 7.09 -15.86
C LYS C 54 18.42 5.86 -15.05
N GLU C 55 17.24 5.94 -14.45
CA GLU C 55 16.69 4.83 -13.66
C GLU C 55 16.35 3.64 -14.55
N TRP C 56 15.80 3.90 -15.74
CA TRP C 56 15.46 2.78 -16.65
C TRP C 56 16.73 2.09 -17.14
N ASP C 57 17.78 2.86 -17.44
CA ASP C 57 19.07 2.25 -17.83
C ASP C 57 19.58 1.31 -16.71
N LEU C 58 19.53 1.75 -15.47
CA LEU C 58 19.97 0.92 -14.33
C LEU C 58 19.12 -0.32 -14.21
N ASP C 59 17.80 -0.22 -14.42
CA ASP C 59 16.95 -1.40 -14.30
C ASP C 59 17.26 -2.43 -15.38
N PHE C 60 17.57 -1.98 -16.60
CA PHE C 60 17.97 -2.91 -17.67
C PHE C 60 19.26 -3.65 -17.26
N GLN C 61 20.15 -2.97 -16.54
CA GLN C 61 21.36 -3.63 -16.03
C GLN C 61 20.98 -4.72 -15.00
N HIS C 62 20.05 -4.43 -14.11
CA HIS C 62 19.59 -5.40 -13.11
C HIS C 62 18.95 -6.59 -13.82
N LYS C 64 19.55 -7.60 -16.99
CA LYS C 64 20.60 -8.33 -17.72
C LYS C 64 21.38 -9.29 -16.81
N ARG C 65 21.66 -8.86 -15.59
CA ARG C 65 22.37 -9.69 -14.62
C ARG C 65 21.67 -11.04 -14.40
N ILE C 66 20.33 -11.10 -14.42
CA ILE C 66 19.63 -12.37 -14.18
C ILE C 66 19.25 -13.11 -15.48
N GLY C 67 19.68 -12.62 -16.64
CA GLY C 67 19.43 -13.30 -17.90
C GLY C 67 18.12 -12.95 -18.58
N ILE C 68 17.53 -11.80 -18.28
CA ILE C 68 16.36 -11.35 -19.03
C ILE C 68 16.87 -10.97 -20.44
N ASP C 69 16.21 -11.48 -21.48
CA ASP C 69 16.60 -11.21 -22.86
C ASP C 69 15.47 -10.56 -23.67
N THR C 70 14.28 -10.40 -23.07
CA THR C 70 13.10 -9.88 -23.73
C THR C 70 12.39 -8.90 -22.82
N VAL C 71 11.99 -7.76 -23.36
CA VAL C 71 11.23 -6.75 -22.63
C VAL C 71 9.98 -6.41 -23.46
N ILE C 72 8.83 -6.41 -22.78
CA ILE C 72 7.55 -6.16 -23.46
C ILE C 72 6.86 -4.92 -22.92
N ILE C 74 3.87 -3.13 -22.15
CA ILE C 74 2.55 -3.78 -22.07
C ILE C 74 1.42 -3.16 -22.93
N ARG C 75 1.32 -1.85 -23.03
CA ARG C 75 0.31 -1.25 -23.91
C ARG C 75 0.75 0.14 -24.30
N SER C 76 0.88 0.35 -25.61
CA SER C 76 1.40 1.59 -26.17
C SER C 76 0.53 2.80 -25.84
N GLY C 77 -0.70 2.55 -25.45
CA GLY C 77 -1.55 3.55 -24.83
C GLY C 77 -2.67 2.91 -24.07
N TYR C 78 -3.28 3.69 -23.19
CA TYR C 78 -4.43 3.28 -22.43
C TYR C 78 -5.37 4.44 -22.34
N ARG C 79 -6.51 4.35 -23.02
CA ARG C 79 -7.48 5.43 -23.11
C ARG C 79 -6.76 6.69 -23.64
N LYS C 80 -6.71 7.82 -22.90
CA LYS C 80 -6.07 9.02 -23.46
C LYS C 80 -4.57 9.14 -23.17
N PHE C 81 -4.01 8.20 -22.46
CA PHE C 81 -2.55 8.19 -22.17
C PHE C 81 -1.82 7.36 -23.23
N THR C 83 2.42 6.27 -24.85
CA THR C 83 3.85 6.07 -24.57
C THR C 83 4.76 6.70 -25.58
N TYR C 84 4.21 7.26 -26.65
CA TYR C 84 5.00 7.85 -27.73
C TYR C 84 4.17 8.91 -28.43
N PRO C 85 4.78 9.80 -29.23
CA PRO C 85 4.00 10.89 -29.86
C PRO C 85 3.27 10.40 -31.10
N SER C 86 2.19 9.69 -30.88
CA SER C 86 1.39 9.14 -31.98
C SER C 86 0.64 10.20 -32.76
N PRO C 87 0.92 10.40 -34.06
CA PRO C 87 0.11 11.36 -34.84
C PRO C 87 -1.38 10.98 -34.84
N TYR C 88 -1.69 9.68 -34.95
CA TYR C 88 -3.08 9.22 -34.95
C TYR C 88 -3.78 9.47 -33.60
N LEU C 89 -3.20 9.01 -32.48
CA LEU C 89 -3.84 9.16 -31.18
C LEU C 89 -3.94 10.63 -30.78
N LEU C 90 -2.96 11.46 -31.17
CA LEU C 90 -3.04 12.91 -30.89
C LEU C 90 -4.23 13.52 -31.64
N LYS C 91 -4.49 13.09 -32.88
CA LYS C 91 -5.65 13.59 -33.64
C LYS C 91 -6.96 13.15 -33.01
N LYS C 92 -6.96 12.02 -32.29
CA LYS C 92 -8.15 11.52 -31.59
C LYS C 92 -8.33 12.14 -30.18
N GLY C 93 -7.52 13.14 -29.81
CA GLY C 93 -7.66 13.84 -28.54
C GLY C 93 -6.91 13.23 -27.36
N CYS C 94 -5.94 12.35 -27.61
CA CYS C 94 -5.16 11.77 -26.51
C CYS C 94 -4.03 12.73 -26.10
N TYR C 95 -3.47 12.50 -24.93
CA TYR C 95 -2.52 13.43 -24.30
C TYR C 95 -1.08 13.23 -24.74
N PRO C 97 2.59 12.77 -24.22
CA PRO C 97 3.43 12.45 -23.06
C PRO C 97 4.67 13.32 -23.04
N SER C 98 5.36 13.41 -21.90
CA SER C 98 6.55 14.26 -21.87
C SER C 98 7.78 13.54 -22.39
N VAL C 99 7.75 12.20 -22.48
CA VAL C 99 8.88 11.41 -22.95
C VAL C 99 8.41 10.39 -23.97
N ASP C 100 9.20 10.20 -25.03
CA ASP C 100 8.95 9.11 -25.99
C ASP C 100 9.53 7.82 -25.37
N LEU C 101 8.69 7.06 -24.69
CA LEU C 101 9.11 5.81 -24.03
C LEU C 101 9.45 4.72 -25.02
N VAL C 102 8.78 4.69 -26.16
CA VAL C 102 9.06 3.67 -27.19
C VAL C 102 10.52 3.83 -27.67
N ASP C 103 10.91 5.05 -28.02
CA ASP C 103 12.28 5.38 -28.41
C ASP C 103 13.25 4.97 -27.31
N TYR C 105 12.91 2.80 -24.70
CA TYR C 105 13.00 1.36 -24.50
C TYR C 105 13.70 0.66 -25.64
N LEU C 106 13.46 1.06 -26.89
CA LEU C 106 14.16 0.47 -28.03
C LEU C 106 15.67 0.72 -27.95
N ARG C 107 16.09 1.91 -27.51
CA ARG C 107 17.52 2.24 -27.37
C ARG C 107 18.14 1.42 -26.24
N LEU C 108 17.43 1.30 -25.14
CA LEU C 108 17.92 0.51 -24.00
C LEU C 108 17.98 -0.99 -24.35
N ALA C 109 16.97 -1.51 -25.04
CA ALA C 109 16.98 -2.91 -25.48
C ALA C 109 18.17 -3.18 -26.41
N GLU C 110 18.48 -2.25 -27.33
CA GLU C 110 19.62 -2.39 -28.21
C GLU C 110 20.94 -2.38 -27.40
N LYS C 111 21.06 -1.46 -26.47
CA LYS C 111 22.25 -1.32 -25.62
C LYS C 111 22.54 -2.61 -24.84
N TYR C 112 21.49 -3.26 -24.31
CA TYR C 112 21.68 -4.46 -23.48
C TYR C 112 21.35 -5.75 -24.24
N ASN C 113 21.28 -5.67 -25.57
CA ASN C 113 21.08 -6.79 -26.48
C ASN C 113 19.85 -7.63 -26.08
N LYS C 115 15.49 -8.20 -26.85
CA LYS C 115 14.41 -8.13 -27.84
C LYS C 115 13.28 -7.30 -27.24
N PHE C 116 12.82 -6.27 -27.94
CA PHE C 116 11.71 -5.43 -27.50
C PHE C 116 10.44 -5.86 -28.20
N TYR C 117 9.38 -6.10 -27.44
CA TYR C 117 8.02 -6.39 -27.96
C TYR C 117 7.13 -5.17 -27.71
N PHE C 118 6.40 -4.75 -28.75
CA PHE C 118 5.52 -3.60 -28.73
C PHE C 118 4.11 -4.03 -28.37
N GLY C 119 3.59 -3.50 -27.26
CA GLY C 119 2.22 -3.78 -26.84
C GLY C 119 1.21 -2.93 -27.59
N LEU C 120 0.13 -3.54 -28.05
CA LEU C 120 -0.89 -2.82 -28.80
C LEU C 120 -1.67 -1.85 -27.89
N TYR C 121 -2.33 -0.90 -28.53
CA TYR C 121 -3.07 0.14 -27.87
C TYR C 121 -4.36 -0.42 -27.24
N ASP C 122 -4.70 0.09 -26.05
CA ASP C 122 -5.89 -0.29 -25.30
C ASP C 122 -6.78 0.94 -25.17
N SER C 123 -7.87 0.99 -25.92
CA SER C 123 -8.74 2.18 -25.94
C SER C 123 -9.67 2.34 -24.74
N GLY C 124 -9.89 1.27 -23.97
CA GLY C 124 -10.84 1.26 -22.86
C GLY C 124 -12.23 0.80 -23.26
N ARG C 125 -12.52 0.77 -24.57
CA ARG C 125 -13.86 0.39 -25.08
C ARG C 125 -14.19 -1.07 -24.79
N TYR C 126 -13.21 -1.97 -24.96
CA TYR C 126 -13.41 -3.38 -24.61
C TYR C 126 -13.69 -3.50 -23.09
N TRP C 127 -12.89 -2.85 -22.26
CA TRP C 127 -13.12 -2.92 -20.80
C TRP C 127 -14.51 -2.38 -20.42
N ASP C 128 -15.01 -1.37 -21.13
CA ASP C 128 -16.31 -0.80 -20.82
C ASP C 128 -17.51 -1.61 -21.38
N THR C 129 -17.29 -2.51 -22.35
CA THR C 129 -18.39 -3.22 -23.01
C THR C 129 -18.31 -4.76 -22.97
N GLY C 130 -17.12 -5.32 -22.91
CA GLY C 130 -16.92 -6.76 -23.00
C GLY C 130 -16.75 -7.26 -24.43
N ASP C 131 -16.68 -6.36 -25.43
CA ASP C 131 -16.55 -6.75 -26.82
C ASP C 131 -15.13 -6.34 -27.25
N LEU C 132 -14.26 -7.32 -27.50
CA LEU C 132 -12.87 -7.02 -27.86
C LEU C 132 -12.72 -6.43 -29.28
N SER C 133 -13.78 -6.46 -30.12
CA SER C 133 -13.71 -5.94 -31.50
C SER C 133 -13.55 -4.41 -31.52
N TRP C 134 -13.92 -3.71 -30.41
CA TRP C 134 -13.69 -2.26 -30.31
C TRP C 134 -12.22 -1.91 -30.43
N GLU C 135 -11.33 -2.85 -30.12
CA GLU C 135 -9.90 -2.52 -30.09
C GLU C 135 -9.20 -2.64 -31.45
N ILE C 136 -9.89 -3.11 -32.47
CA ILE C 136 -9.24 -3.34 -33.73
C ILE C 136 -8.93 -2.04 -34.43
N GLU C 137 -9.92 -1.21 -34.59
CA GLU C 137 -9.78 -0.03 -35.45
C GLU C 137 -8.62 0.89 -35.13
N ASP C 138 -8.45 1.31 -33.86
CA ASP C 138 -7.32 2.19 -33.51
C ASP C 138 -5.99 1.50 -33.75
N ASN C 139 -5.91 0.21 -33.50
CA ASN C 139 -4.67 -0.53 -33.73
C ASN C 139 -4.34 -0.68 -35.21
N LYS C 140 -5.32 -0.56 -36.12
CA LYS C 140 -4.96 -0.54 -37.53
C LYS C 140 -4.03 0.63 -37.83
N TYR C 141 -4.28 1.79 -37.22
CA TYR C 141 -3.46 2.98 -37.42
C TYR C 141 -2.19 2.92 -36.61
N VAL C 142 -2.27 2.46 -35.36
CA VAL C 142 -1.10 2.38 -34.47
C VAL C 142 -0.07 1.40 -35.05
N ILE C 143 -0.50 0.23 -35.48
CA ILE C 143 0.44 -0.77 -36.00
C ILE C 143 1.22 -0.19 -37.20
N ASP C 144 0.52 0.44 -38.10
CA ASP C 144 1.12 0.98 -39.31
C ASP C 144 2.07 2.13 -39.02
N GLU C 145 1.72 3.07 -38.12
CA GLU C 145 2.62 4.19 -37.85
C GLU C 145 3.83 3.76 -37.02
N VAL C 146 3.68 2.79 -36.13
CA VAL C 146 4.79 2.32 -35.32
C VAL C 146 5.79 1.54 -36.15
N TRP C 147 5.31 0.79 -37.12
CA TRP C 147 6.27 0.10 -37.99
C TRP C 147 7.14 1.12 -38.72
N LYS C 148 6.50 2.18 -39.24
CA LYS C 148 7.23 3.20 -40.00
C LYS C 148 8.14 4.05 -39.12
N TYR C 150 9.27 3.34 -35.87
CA TYR C 150 10.17 2.59 -34.99
C TYR C 150 10.62 1.24 -35.57
N GLY C 151 9.69 0.43 -36.02
CA GLY C 151 10.00 -0.90 -36.54
C GLY C 151 11.09 -0.98 -37.60
N GLU C 152 11.04 -0.07 -38.55
CA GLU C 152 11.99 -0.01 -39.64
C GLU C 152 13.30 0.65 -39.26
N LYS C 153 13.37 1.34 -38.12
CA LYS C 153 14.55 2.12 -37.73
C LYS C 153 15.33 1.58 -36.55
N TYR C 154 14.75 0.73 -35.72
CA TYR C 154 15.45 0.25 -34.55
C TYR C 154 15.62 -1.26 -34.60
N LYS C 155 16.85 -1.69 -34.45
CA LYS C 155 17.28 -3.08 -34.51
C LYS C 155 16.62 -3.97 -33.44
N SER C 156 16.34 -3.41 -32.29
CA SER C 156 15.79 -4.18 -31.18
C SER C 156 14.26 -4.41 -31.27
N PHE C 157 13.56 -3.81 -32.23
CA PHE C 157 12.11 -4.05 -32.40
C PHE C 157 11.94 -5.50 -32.89
N GLY C 158 11.53 -6.37 -32.01
CA GLY C 158 11.51 -7.80 -32.33
C GLY C 158 10.23 -8.57 -32.16
N GLY C 159 9.15 -7.89 -31.87
CA GLY C 159 7.89 -8.58 -31.69
C GLY C 159 6.76 -7.68 -31.28
N TRP C 160 5.57 -8.29 -31.20
CA TRP C 160 4.32 -7.63 -30.88
C TRP C 160 3.61 -8.34 -29.77
N TYR C 161 3.05 -7.58 -28.83
CA TYR C 161 2.27 -8.12 -27.75
C TYR C 161 0.84 -7.67 -28.01
N ILE C 162 -0.07 -8.62 -28.19
CA ILE C 162 -1.49 -8.35 -28.42
C ILE C 162 -2.11 -8.21 -27.04
N SER C 163 -2.28 -6.96 -26.61
CA SER C 163 -2.59 -6.60 -25.23
C SER C 163 -4.04 -6.73 -24.78
N GLY C 164 -4.94 -7.16 -25.66
CA GLY C 164 -6.33 -7.38 -25.30
C GLY C 164 -6.49 -8.60 -24.42
N GLU C 165 -6.63 -8.42 -23.10
CA GLU C 165 -6.66 -9.54 -22.14
C GLU C 165 -8.04 -10.14 -21.94
N ILE C 166 -8.12 -11.47 -21.99
CA ILE C 166 -9.33 -12.22 -21.71
C ILE C 166 -8.98 -13.41 -20.84
N SER C 167 -9.99 -14.07 -20.29
CA SER C 167 -9.85 -15.36 -19.60
C SER C 167 -10.80 -16.41 -20.11
N ARG C 168 -11.95 -16.00 -20.65
CA ARG C 168 -13.00 -16.90 -21.11
C ARG C 168 -13.43 -16.55 -22.52
N ALA C 169 -14.31 -17.38 -23.11
CA ALA C 169 -14.94 -17.06 -24.41
C ALA C 169 -15.46 -15.62 -24.32
N THR C 170 -15.06 -14.77 -25.28
CA THR C 170 -15.34 -13.35 -25.24
C THR C 170 -15.81 -12.88 -26.59
N LYS C 171 -16.86 -12.07 -26.60
CA LYS C 171 -17.41 -11.50 -27.82
C LYS C 171 -16.31 -10.75 -28.57
N GLY C 172 -16.16 -11.08 -29.85
CA GLY C 172 -15.20 -10.44 -30.72
C GLY C 172 -13.72 -10.74 -30.50
N ALA C 173 -13.37 -11.56 -29.50
CA ALA C 173 -11.94 -11.80 -29.20
C ALA C 173 -11.19 -12.56 -30.30
N ILE C 174 -11.72 -13.65 -30.76
CA ILE C 174 -11.04 -14.42 -31.82
C ILE C 174 -10.82 -13.52 -33.06
N ASP C 175 -11.85 -12.78 -33.46
CA ASP C 175 -11.79 -11.86 -34.62
C ASP C 175 -10.74 -10.76 -34.42
N ALA C 176 -10.67 -10.18 -33.21
CA ALA C 176 -9.68 -9.14 -32.92
C ALA C 176 -8.29 -9.71 -32.93
N PHE C 177 -8.09 -10.86 -32.28
CA PHE C 177 -6.76 -11.45 -32.27
C PHE C 177 -6.31 -11.80 -33.69
N ARG C 178 -7.21 -12.34 -34.50
CA ARG C 178 -6.89 -12.68 -35.90
C ARG C 178 -6.50 -11.44 -36.70
N ALA C 179 -7.27 -10.36 -36.55
CA ALA C 179 -7.02 -9.13 -37.31
C ALA C 179 -5.74 -8.43 -36.88
N GLY C 181 -3.14 -9.77 -35.06
CA GLY C 181 -2.00 -10.62 -35.35
C GLY C 181 -1.62 -10.60 -36.82
N LYS C 182 -2.60 -10.66 -37.71
CA LYS C 182 -2.31 -10.64 -39.16
C LYS C 182 -1.65 -9.33 -39.58
N GLN C 183 -2.17 -8.18 -39.11
CA GLN C 183 -1.60 -6.91 -39.52
C GLN C 183 -0.18 -6.77 -38.99
N CYS C 184 0.08 -7.19 -37.74
CA CYS C 184 1.41 -7.13 -37.15
C CYS C 184 2.39 -7.92 -37.98
N LYS C 185 2.00 -9.16 -38.30
CA LYS C 185 2.87 -10.07 -39.05
C LYS C 185 3.12 -9.59 -40.46
N ASP C 186 2.08 -9.14 -41.15
CA ASP C 186 2.20 -8.64 -42.51
C ASP C 186 3.13 -7.44 -42.62
N ILE C 187 2.92 -6.42 -41.80
CA ILE C 187 3.72 -5.19 -41.91
C ILE C 187 5.17 -5.43 -41.47
N SER C 188 5.44 -6.39 -40.57
CA SER C 188 6.78 -6.57 -40.04
C SER C 188 7.51 -7.75 -40.66
N ASN C 189 6.93 -8.35 -41.69
CA ASN C 189 7.49 -9.50 -42.37
C ASN C 189 7.70 -10.68 -41.41
N GLY C 190 6.69 -10.91 -40.58
CA GLY C 190 6.60 -12.10 -39.73
C GLY C 190 7.23 -12.07 -38.36
N LEU C 191 7.35 -10.92 -37.70
CA LEU C 191 7.87 -10.94 -36.33
C LEU C 191 6.92 -11.70 -35.41
N PRO C 192 7.46 -12.24 -34.34
CA PRO C 192 6.60 -12.99 -33.40
C PRO C 192 5.54 -12.15 -32.72
N THR C 193 4.42 -12.80 -32.39
CA THR C 193 3.31 -12.20 -31.68
C THR C 193 2.93 -13.09 -30.48
N PHE C 194 2.36 -12.51 -29.45
CA PHE C 194 1.86 -13.31 -28.32
C PHE C 194 0.76 -12.58 -27.60
N ILE C 195 0.00 -13.36 -26.83
CA ILE C 195 -1.06 -12.90 -25.96
C ILE C 195 -0.74 -13.33 -24.51
N SER C 196 -1.29 -12.63 -23.51
CA SER C 196 -1.11 -12.99 -22.11
C SER C 196 -2.48 -12.93 -21.39
N PRO C 197 -3.32 -13.92 -21.67
CA PRO C 197 -4.64 -13.99 -21.01
C PRO C 197 -4.49 -14.43 -19.55
N TRP C 198 -5.59 -14.59 -18.81
CA TRP C 198 -5.56 -15.07 -17.44
C TRP C 198 -6.52 -16.24 -17.32
N ILE C 199 -6.41 -17.00 -16.22
CA ILE C 199 -7.28 -18.16 -15.95
C ILE C 199 -8.40 -17.65 -15.05
N ASP C 200 -9.63 -18.01 -15.34
CA ASP C 200 -10.79 -17.55 -14.56
C ASP C 200 -10.96 -18.38 -13.26
N GLY C 201 -9.92 -18.34 -12.45
CA GLY C 201 -9.83 -19.13 -11.23
C GLY C 201 -10.41 -18.49 -9.99
N LYS C 202 -10.12 -19.11 -8.85
CA LYS C 202 -10.69 -18.68 -7.58
C LYS C 202 -10.26 -17.31 -7.14
N LYS C 203 -9.13 -16.79 -7.64
CA LYS C 203 -8.68 -15.45 -7.28
C LYS C 203 -9.06 -14.42 -8.36
N ALA C 204 -9.83 -14.79 -9.38
CA ALA C 204 -10.29 -13.83 -10.39
C ALA C 204 -11.56 -13.17 -9.83
N ILE C 205 -11.36 -12.26 -8.90
CA ILE C 205 -12.44 -11.59 -8.14
C ILE C 205 -12.69 -10.16 -8.60
N GLY C 207 -14.04 -6.95 -9.89
CA GLY C 207 -15.40 -6.48 -10.14
C GLY C 207 -16.54 -7.33 -9.57
N THR C 208 -16.23 -8.29 -8.68
CA THR C 208 -17.25 -9.17 -8.09
C THR C 208 -17.69 -8.71 -6.67
N GLY C 209 -16.82 -7.99 -5.96
CA GLY C 209 -17.09 -7.53 -4.61
C GLY C 209 -17.03 -8.63 -3.57
N LYS C 210 -16.06 -9.55 -3.70
CA LYS C 210 -15.88 -10.66 -2.76
C LYS C 210 -14.40 -11.11 -2.75
N LEU C 211 -13.96 -11.74 -1.65
CA LEU C 211 -12.55 -12.18 -1.49
C LEU C 211 -12.20 -13.49 -2.24
N THR C 212 -13.20 -14.23 -2.75
CA THR C 212 -12.94 -15.46 -3.50
C THR C 212 -14.13 -15.87 -4.35
N ARG C 213 -13.86 -16.62 -5.43
CA ARG C 213 -14.91 -17.15 -6.29
C ARG C 213 -15.16 -18.59 -5.90
N GLU C 214 -16.40 -18.94 -5.55
CA GLU C 214 -16.77 -20.33 -5.38
C GLU C 214 -17.11 -20.94 -6.79
N ASP C 215 -17.27 -20.09 -7.85
CA ASP C 215 -17.60 -20.56 -9.20
C ASP C 215 -16.41 -20.37 -10.17
N ALA C 216 -15.20 -20.75 -9.73
CA ALA C 216 -14.01 -20.73 -10.55
C ALA C 216 -14.24 -21.66 -11.73
N VAL C 217 -13.63 -21.36 -12.87
CA VAL C 217 -13.79 -22.21 -14.04
C VAL C 217 -13.20 -23.59 -13.79
N SER C 218 -13.84 -24.61 -14.33
CA SER C 218 -13.30 -25.98 -14.26
C SER C 218 -12.21 -26.13 -15.30
N VAL C 219 -11.31 -27.07 -15.10
CA VAL C 219 -10.27 -27.36 -16.10
C VAL C 219 -10.93 -27.73 -17.43
N GLN C 220 -12.01 -28.50 -17.38
CA GLN C 220 -12.73 -28.98 -18.57
C GLN C 220 -13.34 -27.83 -19.37
N GLN C 221 -13.99 -26.87 -18.70
CA GLN C 221 -14.62 -25.72 -19.38
C GLN C 221 -13.55 -24.77 -19.91
N HIS C 222 -12.46 -24.58 -19.17
CA HIS C 222 -11.34 -23.77 -19.62
C HIS C 222 -10.77 -24.35 -20.89
N GLU C 223 -10.53 -25.66 -20.91
CA GLU C 223 -10.00 -26.34 -22.09
C GLU C 223 -10.92 -26.22 -23.29
N LYS C 224 -12.22 -26.36 -23.06
CA LYS C 224 -13.20 -26.26 -24.16
C LYS C 224 -13.14 -24.89 -24.80
N GLU C 225 -13.17 -23.81 -23.97
CA GLU C 225 -13.20 -22.48 -24.52
C GLU C 225 -11.87 -22.07 -25.20
N TRP C 226 -10.74 -22.49 -24.62
CA TRP C 226 -9.44 -22.12 -25.17
C TRP C 226 -9.07 -22.98 -26.35
N ASN C 227 -9.65 -24.18 -26.46
CA ASN C 227 -9.48 -24.99 -27.66
C ASN C 227 -10.07 -24.21 -28.86
N GLU C 228 -11.24 -23.60 -28.65
CA GLU C 228 -11.87 -22.79 -29.70
C GLU C 228 -11.06 -21.53 -30.02
N ILE C 229 -10.52 -20.87 -29.00
CA ILE C 229 -9.77 -19.65 -29.22
C ILE C 229 -8.49 -19.99 -29.98
N PHE C 230 -7.71 -20.97 -29.49
CA PHE C 230 -6.45 -21.29 -30.18
C PHE C 230 -6.69 -21.80 -31.59
N ASP C 231 -7.79 -22.55 -31.84
CA ASP C 231 -8.15 -22.98 -33.18
C ASP C 231 -8.31 -21.77 -34.13
N GLY C 232 -8.89 -20.69 -33.61
CA GLY C 232 -9.12 -19.50 -34.39
C GLY C 232 -7.92 -18.58 -34.59
N ILE C 233 -6.95 -18.57 -33.66
CA ILE C 233 -5.88 -17.58 -33.72
C ILE C 233 -4.48 -18.09 -33.97
N HIS C 234 -4.23 -19.40 -33.90
CA HIS C 234 -2.87 -19.91 -33.94
C HIS C 234 -2.07 -19.57 -35.19
N GLU C 235 -2.70 -19.24 -36.31
CA GLU C 235 -1.92 -18.93 -37.51
C GLU C 235 -1.24 -17.58 -37.40
N VAL C 236 -1.71 -16.70 -36.55
CA VAL C 236 -1.09 -15.37 -36.41
C VAL C 236 -0.70 -15.01 -34.97
N VAL C 237 -0.87 -15.92 -34.00
CA VAL C 237 -0.45 -15.74 -32.61
C VAL C 237 0.52 -16.87 -32.31
N ASP C 238 1.82 -16.56 -32.13
CA ASP C 238 2.86 -17.57 -31.97
C ASP C 238 2.96 -18.20 -30.60
N ALA C 239 2.60 -17.47 -29.56
CA ALA C 239 2.73 -17.94 -28.20
C ALA C 239 1.61 -17.44 -27.34
N CYS C 240 1.34 -18.19 -26.30
CA CYS C 240 0.37 -17.77 -25.30
CA CYS C 240 0.34 -17.92 -25.27
C CYS C 240 1.06 -17.86 -23.95
N ALA C 241 0.95 -16.77 -23.14
CA ALA C 241 1.59 -16.66 -21.85
C ALA C 241 0.54 -16.43 -20.78
N PHE C 242 -0.16 -17.47 -20.35
CA PHE C 242 -1.18 -17.24 -19.32
C PHE C 242 -0.58 -16.65 -18.08
N GLN C 243 -1.27 -15.67 -17.54
CA GLN C 243 -1.00 -15.13 -16.21
C GLN C 243 -1.24 -16.30 -15.26
N ASP C 244 -0.31 -16.59 -14.37
CA ASP C 244 -0.41 -17.79 -13.54
C ASP C 244 -1.04 -17.57 -12.14
N GLY C 245 -1.46 -16.37 -11.81
CA GLY C 245 -1.82 -16.04 -10.44
C GLY C 245 -3.24 -16.22 -9.96
N HIS C 246 -4.21 -16.47 -10.87
CA HIS C 246 -5.61 -16.50 -10.44
C HIS C 246 -6.08 -17.87 -9.96
N ILE C 247 -5.23 -18.88 -10.00
CA ILE C 247 -5.54 -20.22 -9.55
C ILE C 247 -4.71 -20.47 -8.26
N ASP C 248 -5.09 -21.49 -7.51
CA ASP C 248 -4.36 -21.87 -6.31
C ASP C 248 -3.09 -22.59 -6.68
N TYR C 249 -2.14 -22.62 -5.72
CA TYR C 249 -0.81 -23.23 -5.97
C TYR C 249 -0.88 -24.75 -6.14
N ASP C 250 -1.94 -25.40 -5.64
CA ASP C 250 -2.14 -26.84 -5.85
C ASP C 250 -2.94 -27.13 -7.16
N GLU C 251 -3.28 -26.10 -7.94
CA GLU C 251 -4.01 -26.26 -9.23
C GLU C 251 -3.08 -26.01 -10.42
N LEU C 252 -1.81 -25.67 -10.18
CA LEU C 252 -0.85 -25.34 -11.23
C LEU C 252 -0.62 -26.51 -12.18
N ASP C 253 -0.39 -27.71 -11.66
CA ASP C 253 -0.14 -28.86 -12.55
C ASP C 253 -1.35 -29.13 -13.45
N ALA C 254 -2.56 -29.05 -12.93
CA ALA C 254 -3.76 -29.35 -13.73
C ALA C 254 -3.93 -28.36 -14.86
N PHE C 255 -3.82 -27.06 -14.56
CA PHE C 255 -4.00 -26.04 -15.61
C PHE C 255 -2.79 -25.95 -16.54
N PHE C 256 -1.57 -26.06 -16.02
CA PHE C 256 -0.40 -26.01 -16.90
C PHE C 256 -0.36 -27.19 -17.86
N THR C 257 -0.80 -28.35 -17.42
CA THR C 257 -0.86 -29.52 -18.30
C THR C 257 -1.84 -29.26 -19.46
N VAL C 258 -3.03 -28.67 -19.15
CA VAL C 258 -4.04 -28.39 -20.16
C VAL C 258 -3.56 -27.29 -21.11
N ASN C 259 -2.98 -26.20 -20.57
CA ASN C 259 -2.49 -25.08 -21.39
C ASN C 259 -1.36 -25.54 -22.33
N LYS C 260 -0.48 -26.41 -21.87
CA LYS C 260 0.61 -26.97 -22.68
C LYS C 260 0.06 -27.89 -23.76
N LYS C 261 -0.92 -28.75 -23.42
CA LYS C 261 -1.59 -29.64 -24.36
C LYS C 261 -2.23 -28.82 -25.52
N LEU C 262 -2.92 -27.73 -25.18
CA LEU C 262 -3.57 -26.85 -26.16
C LEU C 262 -2.54 -26.15 -27.02
N ALA C 263 -1.49 -25.60 -26.43
CA ALA C 263 -0.43 -24.96 -27.24
C ALA C 263 0.17 -26.01 -28.22
N ASP C 264 0.46 -27.22 -27.74
CA ASP C 264 1.05 -28.28 -28.59
C ASP C 264 0.11 -28.66 -29.74
N LYS C 265 -1.20 -28.77 -29.44
CA LYS C 265 -2.20 -29.13 -30.44
C LYS C 265 -2.23 -28.14 -31.58
N TYR C 266 -2.01 -26.86 -31.29
CA TYR C 266 -2.09 -25.81 -32.33
C TYR C 266 -0.74 -25.24 -32.74
N GLY C 267 0.35 -25.86 -32.31
CA GLY C 267 1.69 -25.47 -32.71
C GLY C 267 2.12 -24.12 -32.23
N GLN C 269 3.94 -21.76 -29.10
CA GLN C 269 4.87 -21.86 -27.98
CA GLN C 269 4.86 -21.85 -27.96
C GLN C 269 4.04 -21.67 -26.69
N CYS C 270 4.43 -22.34 -25.63
CA CYS C 270 3.73 -22.28 -24.36
C CYS C 270 4.58 -21.54 -23.35
N TRP C 271 4.18 -20.32 -23.03
CA TRP C 271 4.90 -19.50 -22.08
C TRP C 271 4.11 -19.40 -20.80
N THR C 272 4.79 -19.00 -19.74
CA THR C 272 4.09 -18.65 -18.49
C THR C 272 4.38 -17.20 -18.17
N ASN C 273 3.34 -16.48 -17.76
CA ASN C 273 3.49 -15.12 -17.25
C ASN C 273 3.45 -15.31 -15.74
N ALA C 274 4.64 -15.47 -15.18
CA ALA C 274 4.84 -15.75 -13.75
C ALA C 274 4.75 -14.46 -12.98
N GLU C 275 3.58 -14.20 -12.40
CA GLU C 275 3.35 -12.96 -11.66
C GLU C 275 4.27 -12.88 -10.46
N SER C 276 4.98 -11.75 -10.30
CA SER C 276 5.93 -11.55 -9.24
C SER C 276 5.37 -10.62 -8.15
N PHE C 277 4.04 -10.40 -8.17
CA PHE C 277 3.30 -9.66 -7.16
C PHE C 277 2.35 -10.64 -6.46
N ASP C 278 1.91 -10.31 -5.25
CA ASP C 278 1.12 -11.20 -4.41
C ASP C 278 -0.35 -10.86 -4.55
N ARG C 279 -1.14 -11.82 -4.98
CA ARG C 279 -2.61 -11.69 -5.08
C ARG C 279 -3.33 -12.13 -3.81
N ASP C 280 -2.60 -12.63 -2.80
CA ASP C 280 -3.24 -13.17 -1.59
C ASP C 280 -3.33 -12.16 -0.45
N PRO C 282 -4.07 -8.09 1.32
CA PRO C 282 -5.07 -6.99 1.27
C PRO C 282 -4.54 -5.68 0.63
N ILE C 283 -3.26 -5.61 0.26
CA ILE C 283 -2.70 -4.48 -0.48
C ILE C 283 -2.57 -4.97 -1.90
N ARG C 284 -3.17 -4.29 -2.89
CA ARG C 284 -3.12 -4.73 -4.27
C ARG C 284 -2.24 -3.75 -5.03
N PHE C 285 -0.94 -4.01 -5.22
CA PHE C 285 -0.20 -5.25 -4.97
C PHE C 285 1.21 -4.96 -4.60
N LEU C 286 1.82 -5.84 -3.79
CA LEU C 286 3.23 -5.77 -3.40
C LEU C 286 3.93 -7.05 -3.87
N PRO C 287 5.26 -7.10 -3.80
CA PRO C 287 5.99 -8.27 -4.29
C PRO C 287 5.58 -9.58 -3.62
N ILE C 288 5.62 -10.64 -4.44
CA ILE C 288 5.23 -11.95 -4.00
C ILE C 288 6.25 -12.56 -3.06
N LYS C 289 5.77 -13.47 -2.23
CA LYS C 289 6.61 -14.34 -1.42
C LYS C 289 7.40 -15.26 -2.37
N PHE C 290 8.74 -15.28 -2.23
CA PHE C 290 9.60 -16.05 -3.12
C PHE C 290 9.11 -17.49 -3.31
N ASP C 291 8.75 -18.17 -2.22
CA ASP C 291 8.35 -19.58 -2.36
C ASP C 291 7.14 -19.76 -3.26
N LYS C 292 6.24 -18.76 -3.33
CA LYS C 292 5.07 -18.87 -4.25
C LYS C 292 5.56 -18.75 -5.70
N LEU C 293 6.48 -17.84 -5.96
CA LEU C 293 7.04 -17.71 -7.31
C LEU C 293 7.79 -18.97 -7.67
N ARG C 294 8.62 -19.50 -6.75
CA ARG C 294 9.38 -20.73 -6.96
C ARG C 294 8.44 -21.87 -7.35
N LYS C 296 5.55 -21.73 -8.77
CA LYS C 296 4.98 -21.48 -10.08
C LYS C 296 5.98 -21.77 -11.16
N LEU C 297 7.26 -21.42 -10.94
CA LEU C 297 8.32 -21.71 -11.95
C LEU C 297 8.66 -23.21 -12.00
N GLU C 298 8.61 -23.89 -10.87
CA GLU C 298 8.84 -25.34 -10.82
C GLU C 298 7.74 -26.07 -11.58
N ALA C 299 6.48 -25.62 -11.43
CA ALA C 299 5.35 -26.23 -12.15
C ALA C 299 5.51 -26.01 -13.67
N ALA C 300 5.96 -24.81 -14.09
CA ALA C 300 6.16 -24.54 -15.51
C ALA C 300 7.23 -25.47 -16.09
N LYS C 301 8.31 -25.69 -15.35
CA LYS C 301 9.36 -26.59 -15.79
C LYS C 301 8.85 -28.04 -15.87
N ARG C 302 8.07 -28.49 -14.87
CA ARG C 302 7.50 -29.85 -14.89
C ARG C 302 6.61 -30.07 -16.11
N ALA C 303 5.91 -29.03 -16.53
CA ALA C 303 4.99 -29.12 -17.67
C ALA C 303 5.71 -28.93 -19.01
N GLY C 304 7.00 -28.63 -19.01
CA GLY C 304 7.75 -28.48 -20.25
C GLY C 304 7.53 -27.16 -20.96
N TYR C 305 7.31 -26.07 -20.22
CA TYR C 305 7.08 -24.77 -20.84
C TYR C 305 8.34 -24.24 -21.54
N ASP C 306 8.15 -23.46 -22.60
CA ASP C 306 9.24 -22.91 -23.44
C ASP C 306 9.91 -21.68 -22.86
N LYS C 307 9.15 -20.84 -22.14
CA LYS C 307 9.70 -19.58 -21.61
C LYS C 307 8.87 -19.07 -20.45
N ALA C 308 9.53 -18.41 -19.51
CA ALA C 308 8.86 -17.71 -18.43
C ALA C 308 9.14 -16.23 -18.55
N ILE C 309 8.08 -15.45 -18.49
CA ILE C 309 8.14 -13.99 -18.46
C ILE C 309 7.48 -13.58 -17.16
N THR C 310 7.59 -12.33 -16.77
CA THR C 310 6.92 -11.88 -15.55
C THR C 310 6.32 -10.51 -15.72
N PHE C 311 5.17 -10.34 -15.08
CA PHE C 311 4.59 -9.05 -14.72
C PHE C 311 4.93 -8.93 -13.22
N GLU C 312 5.89 -8.11 -12.81
CA GLU C 312 6.69 -7.16 -13.60
C GLU C 312 7.98 -6.92 -12.87
N PHE C 313 9.10 -7.02 -13.56
CA PHE C 313 10.39 -6.89 -12.90
C PHE C 313 10.57 -5.55 -12.18
N SER C 314 10.37 -4.43 -12.87
CA SER C 314 10.71 -3.11 -12.31
C SER C 314 10.07 -2.80 -10.95
N HIS C 315 8.80 -3.18 -10.74
CA HIS C 315 8.15 -2.95 -9.47
C HIS C 315 8.35 -4.08 -8.49
N PHE C 316 8.31 -5.31 -8.98
CA PHE C 316 8.22 -6.47 -8.09
C PHE C 316 9.45 -7.31 -7.92
N SER C 318 12.85 -5.75 -8.78
CA SER C 318 14.06 -4.97 -8.98
C SER C 318 14.68 -4.50 -7.70
N PRO C 319 16.02 -4.49 -7.60
CA PRO C 319 16.68 -3.79 -6.47
C PRO C 319 16.37 -2.29 -6.41
N GLN C 320 15.90 -1.68 -7.52
CA GLN C 320 15.61 -0.28 -7.59
C GLN C 320 14.15 0.05 -7.25
N SER C 321 13.30 -0.96 -7.11
CA SER C 321 11.90 -0.70 -6.84
C SER C 321 11.69 0.07 -5.51
N ALA C 322 10.63 0.90 -5.51
CA ALA C 322 10.16 1.57 -4.29
C ALA C 322 9.65 0.52 -3.25
N TYR C 323 9.28 -0.67 -3.71
CA TYR C 323 8.86 -1.80 -2.86
C TYR C 323 10.12 -2.56 -2.54
N LEU C 324 10.70 -2.30 -1.39
CA LEU C 324 12.00 -2.89 -1.01
C LEU C 324 11.94 -4.41 -0.84
N GLN C 325 10.74 -4.98 -0.73
CA GLN C 325 10.56 -6.45 -0.73
C GLN C 325 11.01 -7.04 -2.07
N ALA C 326 10.97 -6.22 -3.15
CA ALA C 326 11.38 -6.61 -4.47
C ALA C 326 12.87 -6.87 -4.55
N GLY C 327 13.67 -6.01 -3.96
CA GLY C 327 15.14 -6.18 -3.95
C GLY C 327 15.51 -7.45 -3.21
N HIS C 328 14.81 -7.74 -2.12
CA HIS C 328 15.02 -8.97 -1.37
C HIS C 328 14.56 -10.17 -2.20
N LEU C 329 13.45 -10.05 -2.93
CA LEU C 329 13.00 -11.14 -3.82
C LEU C 329 14.08 -11.45 -4.85
N TYR C 330 14.70 -10.40 -5.39
CA TYR C 330 15.78 -10.53 -6.38
C TYR C 330 16.92 -11.36 -5.79
N ASP C 331 17.28 -11.11 -4.54
CA ASP C 331 18.35 -11.86 -3.86
C ASP C 331 17.97 -13.30 -3.63
N ARG C 332 16.71 -13.60 -3.19
CA ARG C 332 16.27 -14.99 -2.98
C ARG C 332 16.25 -15.75 -4.32
N TYR C 333 15.85 -15.05 -5.39
CA TYR C 333 15.79 -15.59 -6.75
C TYR C 333 17.18 -15.93 -7.23
N ARG C 334 18.12 -15.01 -7.10
CA ARG C 334 19.51 -15.27 -7.48
C ARG C 334 20.10 -16.45 -6.71
N GLU C 335 19.82 -16.56 -5.39
CA GLU C 335 20.32 -17.68 -4.57
C GLU C 335 19.79 -19.02 -5.07
N TYR C 336 18.51 -19.07 -5.36
CA TYR C 336 17.87 -20.30 -5.82
C TYR C 336 18.37 -20.72 -7.20
N PHE C 337 18.60 -19.75 -8.13
CA PHE C 337 19.06 -20.03 -9.48
C PHE C 337 20.58 -19.97 -9.61
N GLU C 338 21.30 -19.73 -8.50
CA GLU C 338 22.76 -19.70 -8.46
C GLU C 338 23.30 -18.69 -9.47
N ILE C 339 22.70 -17.48 -9.46
CA ILE C 339 23.06 -16.40 -10.37
C ILE C 339 24.01 -15.49 -9.64
N LYS C 340 25.18 -15.22 -10.24
CA LYS C 340 26.18 -14.36 -9.61
C LYS C 340 25.81 -12.84 -9.68
#